data_1P0F
#
_entry.id   1P0F
#
_cell.length_a   122.157
_cell.length_b   79.499
_cell.length_c   91.837
_cell.angle_alpha   90.00
_cell.angle_beta   112.89
_cell.angle_gamma   90.00
#
_symmetry.space_group_name_H-M   'C 1 2 1'
#
loop_
_entity.id
_entity.type
_entity.pdbx_description
1 polymer 'NADP-dependent ALCOHOL DEHYDROGENASE'
2 non-polymer 'ZINC ION'
3 non-polymer 'NADP NICOTINAMIDE-ADENINE-DINUCLEOTIDE PHOSPHATE'
4 non-polymer GLYCEROL
5 water water
#
_entity_poly.entity_id   1
_entity_poly.type   'polypeptide(L)'
_entity_poly.pdbx_seq_one_letter_code
;MCTAGKDITCKAAVAWEPHKPLSLETITVAPPKAHEVRIKILASGICGSDSSVLKEIIPSKFPVILGHEAVGVVESIGAG
VTCVKPGDKVIPLFVPQCGSCRACKSSNSNFCEKNDMGAKTGLMADMTSRFTCRGKPIYNLMGTSTFTEYTVVADIAVAK
IDPKAPLESCLIGCGFATGYGAAVNTAKVTPGSTCAVFGLGGVGFSAIVGCKAAGASRIIGVGTHKDKFPKAIELGATEC
LNPKDYDKPIYEVICEKTNGGVDYAVECAGRIETMMNALQSTYCGSGVTVVLGLASPNERLPLDPLLLLTGRSLKGSVFG
GFKGEEVSRLVDDYMKKKINVNFLVSTKLTLDQINKAFELLSSGQGVRSIMIY
;
_entity_poly.pdbx_strand_id   A,B
#
loop_
_chem_comp.id
_chem_comp.type
_chem_comp.name
_chem_comp.formula
GOL non-polymer GLYCEROL 'C3 H8 O3'
NAP non-polymer 'NADP NICOTINAMIDE-ADENINE-DINUCLEOTIDE PHOSPHATE' 'C21 H28 N7 O17 P3'
ZN non-polymer 'ZINC ION' 'Zn 2'
#
# COMPACT_ATOMS: atom_id res chain seq x y z
N CYS A 2 -24.61 23.47 40.81
CA CYS A 2 -24.05 23.81 39.47
C CYS A 2 -22.53 23.86 39.54
N THR A 3 -21.88 23.26 38.55
CA THR A 3 -20.42 23.21 38.52
C THR A 3 -19.81 24.10 37.43
N ALA A 4 -20.64 24.72 36.61
CA ALA A 4 -20.15 25.59 35.55
C ALA A 4 -19.24 26.66 36.12
N GLY A 5 -18.09 26.87 35.48
CA GLY A 5 -17.15 27.88 35.94
C GLY A 5 -16.44 27.57 37.25
N LYS A 6 -16.53 26.33 37.70
CA LYS A 6 -15.89 25.95 38.96
C LYS A 6 -15.00 24.72 38.79
N ASP A 7 -13.98 24.61 39.65
CA ASP A 7 -13.10 23.45 39.58
C ASP A 7 -13.93 22.28 40.09
N ILE A 8 -13.71 21.11 39.51
CA ILE A 8 -14.44 19.92 39.94
C ILE A 8 -13.46 18.94 40.57
N THR A 9 -13.88 18.35 41.68
CA THR A 9 -13.05 17.37 42.37
C THR A 9 -13.67 16.02 42.02
N CYS A 10 -12.88 15.12 41.46
CA CYS A 10 -13.39 13.82 41.08
C CYS A 10 -12.33 12.73 41.14
N LYS A 11 -12.75 11.50 40.82
CA LYS A 11 -11.85 10.36 40.82
C LYS A 11 -11.30 10.13 39.42
N ALA A 12 -10.07 9.61 39.36
CA ALA A 12 -9.42 9.32 38.10
C ALA A 12 -8.29 8.32 38.34
N ALA A 13 -7.92 7.61 37.29
CA ALA A 13 -6.83 6.65 37.36
C ALA A 13 -5.63 7.33 36.72
N VAL A 14 -4.59 7.57 37.52
CA VAL A 14 -3.39 8.25 37.04
C VAL A 14 -2.19 7.32 36.88
N ALA A 15 -1.47 7.51 35.78
CA ALA A 15 -0.27 6.73 35.51
C ALA A 15 0.87 7.67 35.89
N TRP A 16 1.40 7.51 37.10
CA TRP A 16 2.47 8.36 37.56
C TRP A 16 3.76 8.05 36.84
N GLU A 17 3.88 6.79 36.41
CA GLU A 17 5.06 6.33 35.70
C GLU A 17 4.70 5.07 34.94
N PRO A 18 5.49 4.71 33.92
CA PRO A 18 5.25 3.52 33.12
C PRO A 18 5.54 2.24 33.90
N HIS A 19 5.09 1.12 33.36
CA HIS A 19 5.35 -0.20 33.95
C HIS A 19 4.82 -0.43 35.37
N LYS A 20 3.81 0.33 35.76
CA LYS A 20 3.23 0.20 37.10
C LYS A 20 1.72 0.27 36.98
N PRO A 21 0.99 -0.36 37.92
CA PRO A 21 -0.47 -0.31 37.86
C PRO A 21 -0.93 1.15 37.95
N LEU A 22 -2.08 1.45 37.37
CA LEU A 22 -2.61 2.81 37.43
C LEU A 22 -3.02 3.09 38.87
N SER A 23 -2.82 4.32 39.32
CA SER A 23 -3.15 4.71 40.68
C SER A 23 -4.49 5.45 40.75
N LEU A 24 -5.40 4.97 41.59
CA LEU A 24 -6.68 5.65 41.75
C LEU A 24 -6.47 6.88 42.62
N GLU A 25 -6.78 8.04 42.07
CA GLU A 25 -6.56 9.30 42.79
C GLU A 25 -7.77 10.22 42.76
N THR A 26 -7.73 11.22 43.64
CA THR A 26 -8.76 12.23 43.66
C THR A 26 -8.01 13.36 42.95
N ILE A 27 -8.61 13.91 41.91
CA ILE A 27 -7.97 14.98 41.16
C ILE A 27 -8.86 16.20 41.07
N THR A 28 -8.32 17.27 40.49
CA THR A 28 -9.06 18.51 40.29
C THR A 28 -9.10 18.75 38.79
N VAL A 29 -10.27 19.04 38.25
CA VAL A 29 -10.40 19.29 36.82
C VAL A 29 -10.87 20.74 36.67
N ALA A 30 -10.05 21.56 36.04
CA ALA A 30 -10.38 22.97 35.86
C ALA A 30 -11.51 23.17 34.86
N PRO A 31 -12.18 24.34 34.93
CA PRO A 31 -13.29 24.64 34.01
C PRO A 31 -12.72 24.81 32.60
N PRO A 32 -13.55 24.62 31.56
CA PRO A 32 -13.07 24.77 30.19
C PRO A 32 -12.74 26.21 29.82
N LYS A 33 -11.65 26.38 29.08
CA LYS A 33 -11.26 27.70 28.63
C LYS A 33 -11.90 27.89 27.25
N ALA A 34 -11.48 28.94 26.54
CA ALA A 34 -12.00 29.24 25.22
C ALA A 34 -11.96 28.02 24.29
N HIS A 35 -13.08 27.76 23.62
CA HIS A 35 -13.19 26.66 22.68
C HIS A 35 -12.86 25.28 23.27
N GLU A 36 -13.25 25.08 24.51
CA GLU A 36 -13.04 23.80 25.18
C GLU A 36 -14.37 23.35 25.75
N VAL A 37 -14.48 22.05 25.99
CA VAL A 37 -15.70 21.46 26.50
C VAL A 37 -15.36 20.52 27.66
N ARG A 38 -16.05 20.67 28.79
CA ARG A 38 -15.79 19.78 29.91
C ARG A 38 -16.87 18.71 29.88
N ILE A 39 -16.45 17.46 29.87
CA ILE A 39 -17.36 16.33 29.76
C ILE A 39 -17.37 15.38 30.96
N LYS A 40 -18.56 14.98 31.37
CA LYS A 40 -18.71 14.02 32.46
C LYS A 40 -18.71 12.69 31.72
N ILE A 41 -17.70 11.85 31.95
CA ILE A 41 -17.62 10.56 31.28
C ILE A 41 -18.64 9.57 31.86
N LEU A 42 -19.38 8.90 30.98
CA LEU A 42 -20.38 7.93 31.41
C LEU A 42 -19.82 6.51 31.39
N ALA A 43 -18.95 6.25 30.42
CA ALA A 43 -18.32 4.96 30.27
C ALA A 43 -17.06 5.08 29.42
N SER A 44 -16.06 4.27 29.73
CA SER A 44 -14.82 4.28 28.99
C SER A 44 -14.33 2.87 28.78
N GLY A 45 -13.77 2.61 27.60
CA GLY A 45 -13.24 1.29 27.33
C GLY A 45 -11.75 1.33 27.59
N ILE A 46 -11.11 0.17 27.68
CA ILE A 46 -9.67 0.09 27.87
C ILE A 46 -9.13 -0.44 26.54
N CYS A 47 -8.28 0.34 25.89
CA CYS A 47 -7.71 -0.04 24.61
C CYS A 47 -6.28 -0.54 24.68
N GLY A 48 -5.92 -1.40 23.74
CA GLY A 48 -4.56 -1.93 23.71
C GLY A 48 -3.55 -0.79 23.67
N SER A 49 -3.93 0.33 23.05
CA SER A 49 -3.02 1.47 22.97
C SER A 49 -2.77 2.05 24.35
N ASP A 50 -3.76 2.01 25.23
CA ASP A 50 -3.57 2.53 26.58
C ASP A 50 -2.51 1.67 27.26
N SER A 51 -2.59 0.36 27.06
CA SER A 51 -1.62 -0.56 27.64
C SER A 51 -0.24 -0.31 27.06
N SER A 52 -0.17 -0.04 25.76
CA SER A 52 1.11 0.22 25.11
C SER A 52 1.80 1.46 25.66
N VAL A 53 1.02 2.49 26.01
CA VAL A 53 1.63 3.68 26.58
C VAL A 53 2.27 3.30 27.92
N LEU A 54 1.54 2.55 28.74
CA LEU A 54 2.07 2.12 30.02
C LEU A 54 3.36 1.30 29.89
N LYS A 55 3.46 0.53 28.82
CA LYS A 55 4.64 -0.30 28.58
C LYS A 55 5.69 0.40 27.75
N GLU A 56 5.48 1.68 27.49
CA GLU A 56 6.40 2.50 26.71
C GLU A 56 6.55 2.07 25.26
N ILE A 57 5.54 1.37 24.73
CA ILE A 57 5.56 0.96 23.34
C ILE A 57 5.16 2.19 22.54
N ILE A 58 4.26 2.98 23.12
CA ILE A 58 3.81 4.23 22.53
C ILE A 58 4.29 5.32 23.48
N PRO A 59 5.12 6.27 22.98
CA PRO A 59 5.66 7.36 23.79
C PRO A 59 4.63 8.29 24.41
N SER A 60 4.96 8.82 25.59
CA SER A 60 4.10 9.76 26.29
C SER A 60 4.80 10.37 27.49
N LYS A 61 4.38 11.56 27.87
CA LYS A 61 4.95 12.20 29.05
C LYS A 61 4.19 11.60 30.23
N PHE A 62 4.81 11.64 31.41
CA PHE A 62 4.18 11.16 32.64
C PHE A 62 4.39 12.27 33.66
N PRO A 63 3.50 12.40 34.65
CA PRO A 63 2.30 11.59 34.87
C PRO A 63 1.23 11.90 33.84
N VAL A 64 0.39 10.92 33.53
CA VAL A 64 -0.64 11.10 32.53
C VAL A 64 -1.92 10.32 32.87
N ILE A 65 -3.05 10.85 32.41
CA ILE A 65 -4.32 10.16 32.59
C ILE A 65 -4.60 9.58 31.21
N LEU A 66 -4.66 8.26 31.13
CA LEU A 66 -4.87 7.59 29.86
C LEU A 66 -6.36 7.45 29.54
N GLY A 67 -6.67 6.67 28.50
CA GLY A 67 -8.06 6.47 28.10
C GLY A 67 -8.42 7.39 26.95
N HIS A 68 -8.98 6.84 25.89
CA HIS A 68 -9.36 7.65 24.74
C HIS A 68 -10.55 7.02 24.02
N GLU A 69 -11.26 6.17 24.74
CA GLU A 69 -12.40 5.45 24.18
C GLU A 69 -13.58 5.63 25.13
N ALA A 70 -14.45 6.61 24.86
CA ALA A 70 -15.57 6.84 25.77
C ALA A 70 -16.78 7.57 25.21
N VAL A 71 -17.83 7.60 26.03
CA VAL A 71 -19.05 8.31 25.71
C VAL A 71 -19.37 9.09 26.99
N GLY A 72 -19.86 10.32 26.83
CA GLY A 72 -20.18 11.12 28.00
C GLY A 72 -21.19 12.20 27.71
N VAL A 73 -21.38 13.10 28.65
CA VAL A 73 -22.33 14.20 28.48
C VAL A 73 -21.64 15.52 28.83
N VAL A 74 -21.91 16.54 28.03
CA VAL A 74 -21.32 17.86 28.25
C VAL A 74 -21.81 18.46 29.56
N GLU A 75 -20.86 18.84 30.42
CA GLU A 75 -21.20 19.43 31.70
C GLU A 75 -21.19 20.95 31.58
N SER A 76 -20.27 21.47 30.78
CA SER A 76 -20.18 22.92 30.56
C SER A 76 -19.30 23.20 29.34
N ILE A 77 -19.45 24.38 28.76
CA ILE A 77 -18.67 24.77 27.60
C ILE A 77 -17.92 26.07 27.83
N GLY A 78 -16.77 26.20 27.18
CA GLY A 78 -15.96 27.39 27.31
C GLY A 78 -16.45 28.50 26.39
N ALA A 79 -15.78 29.64 26.44
CA ALA A 79 -16.15 30.78 25.61
C ALA A 79 -16.03 30.45 24.13
N GLY A 80 -17.00 30.89 23.34
CA GLY A 80 -16.98 30.69 21.91
C GLY A 80 -17.45 29.35 21.37
N VAL A 81 -17.75 28.39 22.23
CA VAL A 81 -18.20 27.08 21.79
C VAL A 81 -19.64 27.13 21.28
N THR A 82 -19.86 26.60 20.07
CA THR A 82 -21.20 26.60 19.48
C THR A 82 -21.66 25.21 19.01
N CYS A 83 -20.74 24.27 18.86
CA CYS A 83 -21.08 22.94 18.35
C CYS A 83 -21.84 22.02 19.32
N VAL A 84 -21.68 22.25 20.62
CA VAL A 84 -22.37 21.45 21.62
C VAL A 84 -22.82 22.33 22.77
N LYS A 85 -23.77 21.83 23.56
CA LYS A 85 -24.27 22.58 24.70
C LYS A 85 -24.39 21.63 25.89
N PRO A 86 -24.47 22.18 27.12
CA PRO A 86 -24.58 21.30 28.29
C PRO A 86 -25.74 20.32 28.11
N GLY A 87 -25.50 19.06 28.47
CA GLY A 87 -26.54 18.06 28.33
C GLY A 87 -26.40 17.17 27.11
N ASP A 88 -25.72 17.66 26.08
CA ASP A 88 -25.51 16.86 24.88
C ASP A 88 -24.66 15.63 25.17
N LYS A 89 -25.00 14.50 24.56
CA LYS A 89 -24.22 13.29 24.74
C LYS A 89 -23.15 13.35 23.65
N VAL A 90 -21.92 12.98 24.00
CA VAL A 90 -20.82 13.06 23.04
C VAL A 90 -19.79 11.96 23.15
N ILE A 91 -18.94 11.89 22.14
CA ILE A 91 -17.83 10.93 22.10
C ILE A 91 -16.58 11.77 21.83
N PRO A 92 -15.62 11.77 22.77
CA PRO A 92 -14.38 12.53 22.59
C PRO A 92 -13.63 11.96 21.40
N LEU A 93 -12.96 12.81 20.63
CA LEU A 93 -12.23 12.37 19.45
C LEU A 93 -10.71 12.51 19.65
N PHE A 94 -9.99 11.38 19.65
CA PHE A 94 -8.54 11.46 19.83
C PHE A 94 -7.88 11.93 18.53
N VAL A 95 -8.64 11.89 17.44
CA VAL A 95 -8.18 12.42 16.16
C VAL A 95 -9.19 13.55 15.96
N PRO A 96 -8.77 14.81 16.19
CA PRO A 96 -9.71 15.92 16.02
C PRO A 96 -10.05 16.22 14.56
N GLN A 97 -10.92 17.20 14.35
CA GLN A 97 -11.30 17.62 13.01
C GLN A 97 -11.44 19.14 13.04
N CYS A 98 -10.36 19.83 12.73
CA CYS A 98 -10.35 21.28 12.76
C CYS A 98 -11.12 21.85 11.57
N GLY A 99 -11.19 21.06 10.51
CA GLY A 99 -11.91 21.46 9.30
C GLY A 99 -11.19 22.42 8.38
N SER A 100 -9.97 22.82 8.73
CA SER A 100 -9.24 23.78 7.92
C SER A 100 -7.89 23.32 7.36
N CYS A 101 -7.31 22.26 7.93
CA CYS A 101 -6.02 21.77 7.46
C CYS A 101 -6.14 20.90 6.20
N ARG A 102 -5.00 20.58 5.62
CA ARG A 102 -4.97 19.77 4.40
C ARG A 102 -5.75 18.46 4.57
N ALA A 103 -5.53 17.78 5.69
CA ALA A 103 -6.21 16.51 5.92
C ALA A 103 -7.73 16.69 6.03
N CYS A 104 -8.17 17.72 6.73
CA CYS A 104 -9.60 17.96 6.89
C CYS A 104 -10.29 18.43 5.62
N LYS A 105 -9.56 19.11 4.75
CA LYS A 105 -10.14 19.58 3.49
C LYS A 105 -10.26 18.46 2.47
N SER A 106 -9.53 17.36 2.69
CA SER A 106 -9.52 16.22 1.78
C SER A 106 -10.37 15.06 2.25
N SER A 107 -11.20 14.52 1.35
CA SER A 107 -12.05 13.40 1.70
C SER A 107 -11.25 12.10 1.81
N ASN A 108 -10.01 12.11 1.34
CA ASN A 108 -9.18 10.91 1.39
C ASN A 108 -8.27 10.79 2.62
N SER A 109 -8.49 11.66 3.60
CA SER A 109 -7.69 11.63 4.82
C SER A 109 -8.49 12.11 6.04
N ASN A 110 -8.13 11.59 7.20
CA ASN A 110 -8.79 11.98 8.45
C ASN A 110 -7.74 12.41 9.48
N PHE A 111 -6.47 12.39 9.08
CA PHE A 111 -5.39 12.73 9.99
C PHE A 111 -5.21 14.23 10.19
N CYS A 112 -6.15 14.84 10.91
CA CYS A 112 -6.11 16.28 11.18
C CYS A 112 -4.76 16.68 11.76
N GLU A 113 -4.17 17.74 11.21
CA GLU A 113 -2.86 18.18 11.68
C GLU A 113 -2.87 18.74 13.10
N LYS A 114 -4.05 18.86 13.70
CA LYS A 114 -4.16 19.35 15.06
C LYS A 114 -4.03 18.20 16.06
N ASN A 115 -3.84 16.98 15.55
CA ASN A 115 -3.71 15.81 16.42
C ASN A 115 -2.44 15.92 17.25
N ASP A 116 -2.41 15.25 18.40
CA ASP A 116 -1.25 15.29 19.29
C ASP A 116 -0.47 13.98 19.26
N MET A 117 -0.71 13.16 18.25
CA MET A 117 -0.04 11.88 18.13
C MET A 117 1.43 12.04 17.76
N GLY A 118 1.76 13.13 17.10
CA GLY A 118 3.14 13.38 16.71
C GLY A 118 3.94 14.21 17.70
N ALA A 119 3.36 15.32 18.15
CA ALA A 119 4.03 16.20 19.11
C ALA A 119 4.03 15.64 20.53
N LYS A 120 2.94 14.95 20.89
CA LYS A 120 2.80 14.38 22.22
C LYS A 120 3.02 15.42 23.33
N THR A 121 2.40 16.59 23.21
CA THR A 121 2.57 17.62 24.23
C THR A 121 1.90 17.21 25.54
N GLY A 122 0.82 16.43 25.42
CA GLY A 122 0.07 16.00 26.58
C GLY A 122 -0.56 17.20 27.26
N LEU A 123 -0.77 18.27 26.50
CA LEU A 123 -1.34 19.51 27.02
C LEU A 123 -2.41 20.07 26.11
N MET A 124 -3.18 21.03 26.63
CA MET A 124 -4.23 21.67 25.87
C MET A 124 -3.55 22.62 24.88
N ALA A 125 -4.32 23.23 24.00
CA ALA A 125 -3.77 24.12 22.99
C ALA A 125 -2.87 25.21 23.56
N ASP A 126 -3.26 25.80 24.69
CA ASP A 126 -2.48 26.87 25.29
C ASP A 126 -1.28 26.36 26.11
N MET A 127 -0.93 25.10 25.89
CA MET A 127 0.18 24.46 26.58
C MET A 127 0.08 24.41 28.10
N THR A 128 -1.14 24.27 28.60
CA THR A 128 -1.36 24.14 30.04
C THR A 128 -2.25 22.92 30.23
N SER A 129 -2.36 22.45 31.47
CA SER A 129 -3.19 21.28 31.77
C SER A 129 -4.40 21.65 32.61
N ARG A 130 -5.50 20.92 32.44
CA ARG A 130 -6.72 21.18 33.20
C ARG A 130 -6.79 20.21 34.38
N PHE A 131 -5.82 19.31 34.47
CA PHE A 131 -5.77 18.30 35.52
C PHE A 131 -4.71 18.58 36.59
N THR A 132 -5.10 18.42 37.85
CA THR A 132 -4.17 18.60 38.97
C THR A 132 -4.34 17.45 39.96
N CYS A 133 -3.23 16.87 40.41
CA CYS A 133 -3.29 15.79 41.38
C CYS A 133 -2.04 15.84 42.26
N ARG A 134 -2.23 15.75 43.56
CA ARG A 134 -1.13 15.81 44.51
C ARG A 134 -0.26 17.04 44.22
N GLY A 135 -0.92 18.13 43.90
CA GLY A 135 -0.24 19.39 43.62
C GLY A 135 0.52 19.49 42.32
N LYS A 136 0.42 18.46 41.47
CA LYS A 136 1.14 18.45 40.20
C LYS A 136 0.21 18.50 38.99
N PRO A 137 0.65 19.13 37.89
CA PRO A 137 -0.12 19.23 36.65
C PRO A 137 -0.03 17.86 35.99
N ILE A 138 -1.15 17.29 35.59
CA ILE A 138 -1.14 15.97 34.96
C ILE A 138 -1.36 16.08 33.45
N TYR A 139 -0.60 15.33 32.67
CA TYR A 139 -0.73 15.35 31.21
C TYR A 139 -1.94 14.57 30.72
N ASN A 140 -2.43 14.90 29.53
CA ASN A 140 -3.57 14.17 28.96
C ASN A 140 -3.08 13.31 27.81
N LEU A 141 -4.00 12.54 27.23
CA LEU A 141 -3.68 11.65 26.13
C LEU A 141 -4.47 11.98 24.87
N MET A 142 -3.74 12.34 23.81
CA MET A 142 -4.31 12.66 22.52
C MET A 142 -5.53 13.59 22.59
N GLY A 143 -5.42 14.60 23.44
CA GLY A 143 -6.49 15.57 23.61
C GLY A 143 -7.76 15.03 24.24
N THR A 144 -7.69 13.83 24.81
CA THR A 144 -8.87 13.26 25.43
C THR A 144 -8.70 12.93 26.92
N SER A 145 -8.28 11.70 27.23
CA SER A 145 -8.11 11.23 28.61
C SER A 145 -9.49 10.89 29.18
N THR A 146 -9.81 9.60 29.22
CA THR A 146 -11.11 9.17 29.70
C THR A 146 -11.11 8.32 30.96
N PHE A 147 -9.94 8.06 31.53
CA PHE A 147 -9.86 7.29 32.77
C PHE A 147 -10.04 8.29 33.91
N THR A 148 -11.09 9.10 33.80
CA THR A 148 -11.39 10.12 34.78
C THR A 148 -12.87 10.43 34.69
N GLU A 149 -13.49 10.75 35.82
CA GLU A 149 -14.91 11.07 35.84
C GLU A 149 -15.23 12.32 35.02
N TYR A 150 -14.27 13.22 34.91
CA TYR A 150 -14.44 14.45 34.12
C TYR A 150 -13.19 14.76 33.32
N THR A 151 -13.38 15.25 32.11
CA THR A 151 -12.25 15.62 31.27
C THR A 151 -12.60 16.86 30.46
N VAL A 152 -11.58 17.52 29.93
CA VAL A 152 -11.77 18.73 29.12
C VAL A 152 -11.13 18.50 27.76
N VAL A 153 -11.87 18.77 26.70
CA VAL A 153 -11.37 18.59 25.35
C VAL A 153 -11.62 19.82 24.50
N ALA A 154 -10.87 19.93 23.40
CA ALA A 154 -11.03 21.06 22.48
C ALA A 154 -12.36 20.87 21.77
N ASP A 155 -13.04 21.95 21.38
CA ASP A 155 -14.32 21.76 20.72
C ASP A 155 -14.22 21.16 19.31
N ILE A 156 -13.00 20.94 18.82
CA ILE A 156 -12.83 20.31 17.52
C ILE A 156 -12.57 18.82 17.76
N ALA A 157 -12.61 18.42 19.03
CA ALA A 157 -12.35 17.03 19.40
C ALA A 157 -13.57 16.40 20.06
N VAL A 158 -14.77 16.77 19.59
CA VAL A 158 -15.98 16.21 20.16
C VAL A 158 -17.05 15.92 19.11
N ALA A 159 -17.71 14.78 19.24
CA ALA A 159 -18.77 14.39 18.32
C ALA A 159 -20.08 14.25 19.08
N LYS A 160 -21.08 15.04 18.71
CA LYS A 160 -22.38 14.97 19.36
C LYS A 160 -23.11 13.77 18.76
N ILE A 161 -23.73 12.96 19.61
CA ILE A 161 -24.45 11.78 19.14
C ILE A 161 -25.83 11.70 19.76
N ASP A 162 -26.61 10.70 19.34
CA ASP A 162 -27.96 10.49 19.85
C ASP A 162 -27.98 10.49 21.38
N PRO A 163 -28.84 11.33 21.98
CA PRO A 163 -28.97 11.43 23.44
C PRO A 163 -29.26 10.10 24.13
N LYS A 164 -29.86 9.17 23.41
CA LYS A 164 -30.20 7.87 23.97
C LYS A 164 -29.20 6.76 23.61
N ALA A 165 -28.02 7.14 23.15
CA ALA A 165 -27.01 6.15 22.78
C ALA A 165 -26.58 5.31 23.98
N PRO A 166 -26.50 3.98 23.80
CA PRO A 166 -26.11 3.04 24.87
C PRO A 166 -24.70 3.32 25.39
N LEU A 167 -24.43 2.91 26.63
CA LEU A 167 -23.12 3.12 27.23
C LEU A 167 -22.04 2.42 26.41
N GLU A 168 -22.37 1.27 25.84
CA GLU A 168 -21.41 0.51 25.04
C GLU A 168 -20.95 1.27 23.80
N SER A 169 -21.59 2.38 23.51
CA SER A 169 -21.21 3.20 22.35
C SER A 169 -19.78 3.71 22.51
N CYS A 170 -19.25 3.63 23.72
CA CYS A 170 -17.89 4.10 23.96
C CYS A 170 -16.84 3.41 23.08
N LEU A 171 -17.11 2.19 22.63
CA LEU A 171 -16.14 1.48 21.79
C LEU A 171 -16.01 2.19 20.44
N ILE A 172 -17.03 2.94 20.06
CA ILE A 172 -16.98 3.66 18.80
C ILE A 172 -15.92 4.76 18.91
N GLY A 173 -15.60 5.13 20.15
CA GLY A 173 -14.59 6.15 20.41
C GLY A 173 -13.22 5.75 19.91
N CYS A 174 -13.00 4.46 19.72
CA CYS A 174 -11.72 3.99 19.19
C CYS A 174 -11.71 2.58 18.61
N GLY A 175 -11.70 1.59 19.49
CA GLY A 175 -11.67 0.20 19.07
C GLY A 175 -12.57 -0.22 17.94
N PHE A 176 -13.87 -0.02 18.10
CA PHE A 176 -14.81 -0.43 17.05
C PHE A 176 -14.64 0.36 15.76
N ALA A 177 -14.60 1.68 15.84
CA ALA A 177 -14.44 2.51 14.65
C ALA A 177 -13.18 2.12 13.88
N THR A 178 -12.11 1.84 14.62
CA THR A 178 -10.84 1.46 14.02
C THR A 178 -10.92 0.16 13.24
N GLY A 179 -11.31 -0.92 13.91
CA GLY A 179 -11.42 -2.20 13.25
C GLY A 179 -12.43 -2.22 12.12
N TYR A 180 -13.64 -1.73 12.41
CA TYR A 180 -14.71 -1.68 11.43
C TYR A 180 -14.29 -0.83 10.23
N GLY A 181 -13.75 0.35 10.52
CA GLY A 181 -13.31 1.25 9.47
C GLY A 181 -12.15 0.68 8.65
N ALA A 182 -11.23 -0.01 9.33
CA ALA A 182 -10.10 -0.61 8.64
C ALA A 182 -10.58 -1.49 7.48
N ALA A 183 -11.72 -2.15 7.68
CA ALA A 183 -12.28 -3.02 6.65
C ALA A 183 -13.07 -2.24 5.60
N VAL A 184 -14.03 -1.44 6.05
CA VAL A 184 -14.88 -0.69 5.12
C VAL A 184 -14.23 0.51 4.42
N ASN A 185 -13.42 1.27 5.15
CA ASN A 185 -12.77 2.47 4.62
C ASN A 185 -11.36 2.30 4.07
N THR A 186 -10.48 1.69 4.86
CA THR A 186 -9.09 1.53 4.47
C THR A 186 -8.83 0.40 3.46
N ALA A 187 -9.20 -0.83 3.82
CA ALA A 187 -9.01 -1.95 2.93
C ALA A 187 -9.99 -1.85 1.77
N LYS A 188 -11.19 -1.34 2.07
CA LYS A 188 -12.25 -1.21 1.08
C LYS A 188 -12.70 -2.60 0.65
N VAL A 189 -12.92 -3.47 1.63
CA VAL A 189 -13.36 -4.83 1.37
C VAL A 189 -14.56 -4.83 0.43
N THR A 190 -14.52 -5.70 -0.56
CA THR A 190 -15.60 -5.78 -1.53
C THR A 190 -16.45 -7.04 -1.38
N PRO A 191 -17.72 -6.97 -1.79
CA PRO A 191 -18.64 -8.11 -1.70
C PRO A 191 -18.08 -9.34 -2.39
N GLY A 192 -18.17 -10.49 -1.73
CA GLY A 192 -17.69 -11.74 -2.30
C GLY A 192 -16.21 -12.02 -2.14
N SER A 193 -15.47 -11.09 -1.55
CA SER A 193 -14.04 -11.27 -1.37
C SER A 193 -13.71 -12.14 -0.16
N THR A 194 -12.45 -12.53 -0.05
CA THR A 194 -12.00 -13.34 1.08
C THR A 194 -11.09 -12.45 1.93
N CYS A 195 -11.26 -12.52 3.25
CA CYS A 195 -10.45 -11.71 4.16
C CYS A 195 -9.81 -12.53 5.26
N ALA A 196 -8.79 -11.97 5.89
CA ALA A 196 -8.09 -12.58 7.00
C ALA A 196 -7.81 -11.48 8.03
N VAL A 197 -8.19 -11.72 9.29
CA VAL A 197 -7.95 -10.75 10.35
C VAL A 197 -6.98 -11.36 11.37
N PHE A 198 -5.85 -10.70 11.57
CA PHE A 198 -4.83 -11.19 12.50
C PHE A 198 -4.84 -10.45 13.83
N GLY A 199 -5.08 -11.20 14.90
CA GLY A 199 -5.15 -10.60 16.23
C GLY A 199 -6.61 -10.40 16.58
N LEU A 200 -7.15 -11.30 17.38
CA LEU A 200 -8.55 -11.23 17.75
C LEU A 200 -8.85 -10.48 19.05
N GLY A 201 -8.50 -9.20 19.07
CA GLY A 201 -8.76 -8.37 20.23
C GLY A 201 -9.92 -7.45 19.92
N GLY A 202 -10.01 -6.33 20.63
CA GLY A 202 -11.09 -5.40 20.38
C GLY A 202 -11.13 -4.93 18.93
N VAL A 203 -9.97 -4.54 18.42
CA VAL A 203 -9.88 -4.07 17.04
C VAL A 203 -10.11 -5.22 16.06
N GLY A 204 -9.51 -6.37 16.33
CA GLY A 204 -9.68 -7.52 15.45
C GLY A 204 -11.14 -7.91 15.27
N PHE A 205 -11.86 -8.04 16.39
CA PHE A 205 -13.27 -8.40 16.32
C PHE A 205 -14.06 -7.37 15.53
N SER A 206 -13.71 -6.10 15.69
CA SER A 206 -14.40 -5.04 14.96
C SER A 206 -14.11 -5.17 13.47
N ALA A 207 -12.89 -5.60 13.13
CA ALA A 207 -12.53 -5.78 11.72
C ALA A 207 -13.32 -6.93 11.13
N ILE A 208 -13.59 -7.95 11.94
CA ILE A 208 -14.38 -9.08 11.47
C ILE A 208 -15.78 -8.56 11.15
N VAL A 209 -16.35 -7.81 12.08
CA VAL A 209 -17.67 -7.22 11.89
C VAL A 209 -17.68 -6.37 10.63
N GLY A 210 -16.60 -5.63 10.41
CA GLY A 210 -16.49 -4.79 9.24
C GLY A 210 -16.46 -5.58 7.93
N CYS A 211 -15.62 -6.61 7.87
CA CYS A 211 -15.54 -7.43 6.67
C CYS A 211 -16.90 -8.02 6.32
N LYS A 212 -17.63 -8.47 7.34
CA LYS A 212 -18.95 -9.05 7.10
C LYS A 212 -19.89 -7.98 6.56
N ALA A 213 -19.83 -6.79 7.14
CA ALA A 213 -20.68 -5.69 6.71
C ALA A 213 -20.36 -5.33 5.26
N ALA A 214 -19.10 -5.49 4.88
CA ALA A 214 -18.66 -5.17 3.53
C ALA A 214 -19.11 -6.23 2.52
N GLY A 215 -19.57 -7.36 3.03
CA GLY A 215 -20.04 -8.43 2.17
C GLY A 215 -19.02 -9.49 1.79
N ALA A 216 -18.03 -9.72 2.64
CA ALA A 216 -17.01 -10.72 2.36
C ALA A 216 -17.64 -12.11 2.43
N SER A 217 -17.21 -13.02 1.55
CA SER A 217 -17.76 -14.36 1.53
C SER A 217 -16.99 -15.29 2.49
N ARG A 218 -15.73 -14.95 2.74
CA ARG A 218 -14.90 -15.73 3.67
C ARG A 218 -14.12 -14.78 4.56
N ILE A 219 -14.19 -15.02 5.87
CA ILE A 219 -13.49 -14.19 6.84
C ILE A 219 -12.73 -15.11 7.77
N ILE A 220 -11.41 -15.14 7.62
CA ILE A 220 -10.58 -16.01 8.43
C ILE A 220 -9.94 -15.29 9.62
N GLY A 221 -10.35 -15.71 10.82
CA GLY A 221 -9.80 -15.12 12.02
C GLY A 221 -8.53 -15.87 12.38
N VAL A 222 -7.45 -15.13 12.64
CA VAL A 222 -6.18 -15.74 12.97
C VAL A 222 -5.68 -15.21 14.31
N GLY A 223 -5.55 -16.11 15.28
CA GLY A 223 -5.08 -15.74 16.60
C GLY A 223 -4.51 -16.93 17.36
N THR A 224 -3.83 -16.65 18.47
CA THR A 224 -3.22 -17.71 19.27
C THR A 224 -4.10 -18.21 20.43
N HIS A 225 -5.31 -17.69 20.53
CA HIS A 225 -6.21 -18.11 21.60
C HIS A 225 -7.52 -18.68 21.06
N LYS A 226 -7.52 -20.00 20.89
CA LYS A 226 -8.67 -20.73 20.37
C LYS A 226 -9.98 -20.50 21.11
N ASP A 227 -9.89 -20.17 22.40
CA ASP A 227 -11.08 -19.92 23.19
C ASP A 227 -11.93 -18.77 22.65
N LYS A 228 -11.33 -17.93 21.81
CA LYS A 228 -12.03 -16.78 21.24
C LYS A 228 -12.72 -17.10 19.90
N PHE A 229 -12.33 -18.21 19.29
CA PHE A 229 -12.89 -18.58 17.99
C PHE A 229 -14.42 -18.67 17.94
N PRO A 230 -15.04 -19.29 18.94
CA PRO A 230 -16.51 -19.38 18.93
C PRO A 230 -17.16 -18.01 18.77
N LYS A 231 -16.70 -17.03 19.56
CA LYS A 231 -17.22 -15.67 19.50
C LYS A 231 -16.90 -15.04 18.14
N ALA A 232 -15.70 -15.32 17.65
CA ALA A 232 -15.28 -14.79 16.35
C ALA A 232 -16.25 -15.23 15.27
N ILE A 233 -16.58 -16.52 15.26
CA ILE A 233 -17.51 -17.06 14.28
C ILE A 233 -18.87 -16.39 14.44
N GLU A 234 -19.30 -16.26 15.69
CA GLU A 234 -20.58 -15.64 16.00
C GLU A 234 -20.70 -14.23 15.41
N LEU A 235 -19.60 -13.49 15.40
CA LEU A 235 -19.61 -12.13 14.89
C LEU A 235 -19.32 -11.96 13.41
N GLY A 236 -19.11 -13.06 12.68
CA GLY A 236 -18.87 -12.93 11.26
C GLY A 236 -17.80 -13.80 10.63
N ALA A 237 -16.85 -14.28 11.43
CA ALA A 237 -15.79 -15.11 10.88
C ALA A 237 -16.35 -16.42 10.36
N THR A 238 -15.87 -16.86 9.20
CA THR A 238 -16.33 -18.11 8.61
C THR A 238 -15.50 -19.27 9.16
N GLU A 239 -14.31 -18.94 9.65
CA GLU A 239 -13.41 -19.92 10.23
C GLU A 239 -12.25 -19.23 10.94
N CYS A 240 -11.57 -19.96 11.82
CA CYS A 240 -10.43 -19.42 12.55
C CYS A 240 -9.26 -20.38 12.50
N LEU A 241 -8.05 -19.82 12.46
CA LEU A 241 -6.84 -20.61 12.41
C LEU A 241 -5.89 -20.19 13.52
N ASN A 242 -5.22 -21.18 14.10
CA ASN A 242 -4.26 -20.95 15.17
C ASN A 242 -2.90 -21.34 14.63
N PRO A 243 -2.02 -20.34 14.41
CA PRO A 243 -0.67 -20.58 13.88
C PRO A 243 0.04 -21.77 14.51
N LYS A 244 -0.13 -21.94 15.82
CA LYS A 244 0.51 -23.02 16.55
C LYS A 244 0.04 -24.42 16.16
N ASP A 245 -1.06 -24.52 15.42
CA ASP A 245 -1.58 -25.82 14.99
C ASP A 245 -0.96 -26.29 13.68
N TYR A 246 -0.03 -25.52 13.15
CA TYR A 246 0.62 -25.88 11.89
C TYR A 246 2.13 -25.82 11.96
N ASP A 247 2.78 -26.70 11.19
CA ASP A 247 4.23 -26.77 11.17
C ASP A 247 4.84 -25.77 10.20
N LYS A 248 4.07 -25.33 9.21
CA LYS A 248 4.55 -24.38 8.22
C LYS A 248 4.04 -22.98 8.55
N PRO A 249 4.63 -21.94 7.92
CA PRO A 249 4.20 -20.55 8.17
C PRO A 249 2.70 -20.39 7.94
N ILE A 250 2.06 -19.62 8.82
CA ILE A 250 0.62 -19.39 8.72
C ILE A 250 0.17 -18.85 7.36
N TYR A 251 1.01 -18.03 6.72
CA TYR A 251 0.63 -17.48 5.43
C TYR A 251 0.63 -18.54 4.33
N GLU A 252 1.42 -19.59 4.50
CA GLU A 252 1.45 -20.68 3.52
C GLU A 252 0.16 -21.48 3.68
N VAL A 253 -0.27 -21.64 4.93
CA VAL A 253 -1.50 -22.38 5.21
C VAL A 253 -2.69 -21.65 4.61
N ILE A 254 -2.72 -20.34 4.78
CA ILE A 254 -3.81 -19.52 4.26
C ILE A 254 -3.85 -19.48 2.74
N CYS A 255 -2.69 -19.30 2.10
CA CYS A 255 -2.65 -19.25 0.64
C CYS A 255 -3.13 -20.59 0.09
N GLU A 256 -2.67 -21.65 0.75
CA GLU A 256 -3.01 -23.02 0.37
C GLU A 256 -4.51 -23.25 0.45
N LYS A 257 -5.16 -22.59 1.41
CA LYS A 257 -6.60 -22.73 1.62
C LYS A 257 -7.45 -21.73 0.85
N THR A 258 -6.83 -20.69 0.31
CA THR A 258 -7.59 -19.65 -0.40
C THR A 258 -7.22 -19.41 -1.87
N ASN A 259 -6.73 -20.45 -2.53
CA ASN A 259 -6.36 -20.35 -3.94
C ASN A 259 -5.30 -19.28 -4.18
N GLY A 260 -4.29 -19.22 -3.31
CA GLY A 260 -3.23 -18.24 -3.50
C GLY A 260 -3.17 -17.09 -2.51
N GLY A 261 -4.15 -17.02 -1.60
CA GLY A 261 -4.14 -15.94 -0.62
C GLY A 261 -5.43 -15.15 -0.60
N VAL A 262 -5.68 -14.43 0.49
CA VAL A 262 -6.90 -13.65 0.62
C VAL A 262 -6.81 -12.33 -0.16
N ASP A 263 -7.96 -11.69 -0.37
CA ASP A 263 -7.99 -10.43 -1.09
C ASP A 263 -7.61 -9.27 -0.16
N TYR A 264 -8.03 -9.39 1.10
CA TYR A 264 -7.76 -8.37 2.11
C TYR A 264 -7.33 -8.96 3.45
N ALA A 265 -6.27 -8.39 4.03
CA ALA A 265 -5.77 -8.84 5.32
C ALA A 265 -5.63 -7.64 6.25
N VAL A 266 -6.07 -7.80 7.50
CA VAL A 266 -5.98 -6.71 8.47
C VAL A 266 -5.18 -7.17 9.69
N GLU A 267 -4.11 -6.44 10.01
CA GLU A 267 -3.27 -6.77 11.15
C GLU A 267 -3.74 -5.92 12.33
N CYS A 268 -4.04 -6.58 13.45
CA CYS A 268 -4.57 -5.91 14.63
C CYS A 268 -3.87 -6.31 15.92
N ALA A 269 -2.59 -6.70 15.83
CA ALA A 269 -1.87 -7.13 17.02
C ALA A 269 -0.74 -6.20 17.43
N GLY A 270 -0.16 -5.50 16.47
CA GLY A 270 0.93 -4.59 16.77
C GLY A 270 2.26 -5.32 16.86
N ARG A 271 2.46 -6.33 16.01
CA ARG A 271 3.70 -7.11 16.01
C ARG A 271 4.24 -7.21 14.58
N ILE A 272 5.53 -6.99 14.42
CA ILE A 272 6.16 -7.04 13.11
C ILE A 272 5.92 -8.40 12.45
N GLU A 273 6.07 -9.47 13.22
CA GLU A 273 5.87 -10.82 12.72
C GLU A 273 4.47 -11.00 12.18
N THR A 274 3.48 -10.47 12.89
CA THR A 274 2.09 -10.58 12.49
C THR A 274 1.84 -9.76 11.22
N MET A 275 2.48 -8.61 11.11
CA MET A 275 2.32 -7.76 9.93
C MET A 275 2.85 -8.48 8.70
N MET A 276 4.02 -9.11 8.84
CA MET A 276 4.63 -9.85 7.74
C MET A 276 3.76 -11.03 7.34
N ASN A 277 3.19 -11.72 8.33
CA ASN A 277 2.33 -12.87 8.05
C ASN A 277 1.09 -12.41 7.29
N ALA A 278 0.53 -11.27 7.69
CA ALA A 278 -0.66 -10.74 7.03
C ALA A 278 -0.36 -10.41 5.56
N LEU A 279 0.75 -9.72 5.34
CA LEU A 279 1.14 -9.33 3.99
C LEU A 279 1.27 -10.53 3.06
N GLN A 280 2.04 -11.52 3.48
CA GLN A 280 2.28 -12.71 2.66
C GLN A 280 1.07 -13.64 2.58
N SER A 281 0.07 -13.38 3.40
CA SER A 281 -1.14 -14.18 3.40
C SER A 281 -2.12 -13.72 2.32
N THR A 282 -1.84 -12.57 1.71
CA THR A 282 -2.71 -12.04 0.66
C THR A 282 -2.26 -12.49 -0.74
N TYR A 283 -3.19 -12.50 -1.68
CA TYR A 283 -2.91 -12.90 -3.06
C TYR A 283 -1.84 -11.96 -3.64
N CYS A 284 -0.80 -12.53 -4.22
CA CYS A 284 0.29 -11.72 -4.76
C CYS A 284 -0.11 -10.82 -5.92
N GLY A 285 -1.22 -11.13 -6.58
CA GLY A 285 -1.63 -10.33 -7.72
C GLY A 285 -2.42 -9.07 -7.44
N SER A 286 -3.02 -8.97 -6.25
CA SER A 286 -3.83 -7.80 -5.93
C SER A 286 -4.20 -7.68 -4.45
N GLY A 287 -3.58 -8.51 -3.62
CA GLY A 287 -3.88 -8.49 -2.20
C GLY A 287 -3.62 -7.16 -1.51
N VAL A 288 -4.50 -6.80 -0.57
CA VAL A 288 -4.37 -5.56 0.19
C VAL A 288 -4.23 -5.87 1.67
N THR A 289 -3.19 -5.32 2.28
CA THR A 289 -2.94 -5.52 3.71
C THR A 289 -2.99 -4.18 4.44
N VAL A 290 -3.77 -4.14 5.52
CA VAL A 290 -3.91 -2.94 6.32
C VAL A 290 -3.30 -3.17 7.71
N VAL A 291 -2.30 -2.38 8.07
CA VAL A 291 -1.69 -2.50 9.39
C VAL A 291 -2.30 -1.45 10.30
N LEU A 292 -2.76 -1.89 11.47
CA LEU A 292 -3.40 -1.00 12.43
C LEU A 292 -2.64 -0.95 13.75
N GLY A 293 -1.98 -2.05 14.10
CA GLY A 293 -1.24 -2.11 15.34
C GLY A 293 0.05 -1.30 15.35
N LEU A 294 0.48 -0.89 16.54
CA LEU A 294 1.71 -0.14 16.67
C LEU A 294 2.74 -0.97 17.44
N ALA A 295 3.89 -1.21 16.81
CA ALA A 295 4.96 -1.99 17.42
C ALA A 295 5.91 -1.06 18.16
N SER A 296 6.93 -1.63 18.81
CA SER A 296 7.90 -0.83 19.52
C SER A 296 8.48 0.21 18.56
N PRO A 297 8.72 1.44 19.06
CA PRO A 297 9.26 2.58 18.30
C PRO A 297 10.42 2.33 17.33
N ASN A 298 11.38 1.52 17.74
CA ASN A 298 12.55 1.24 16.89
C ASN A 298 12.44 0.03 15.99
N GLU A 299 11.36 -0.73 16.11
CA GLU A 299 11.21 -1.91 15.27
C GLU A 299 10.95 -1.53 13.82
N ARG A 300 11.44 -2.36 12.90
CA ARG A 300 11.28 -2.11 11.48
C ARG A 300 10.80 -3.37 10.77
N LEU A 301 9.99 -3.19 9.74
CA LEU A 301 9.48 -4.30 8.96
C LEU A 301 10.46 -4.53 7.83
N PRO A 302 11.12 -5.71 7.80
CA PRO A 302 12.09 -6.04 6.75
C PRO A 302 11.31 -6.39 5.49
N LEU A 303 10.85 -5.37 4.77
CA LEU A 303 10.05 -5.60 3.57
C LEU A 303 10.84 -5.87 2.30
N ASP A 304 10.56 -7.02 1.69
CA ASP A 304 11.18 -7.39 0.44
C ASP A 304 10.28 -6.77 -0.63
N PRO A 305 10.79 -5.79 -1.38
CA PRO A 305 10.02 -5.09 -2.43
C PRO A 305 9.30 -6.03 -3.40
N LEU A 306 9.91 -7.18 -3.66
CA LEU A 306 9.33 -8.16 -4.59
C LEU A 306 7.93 -8.61 -4.18
N LEU A 307 7.64 -8.55 -2.88
CA LEU A 307 6.31 -8.94 -2.39
C LEU A 307 5.24 -7.98 -2.85
N LEU A 308 5.64 -6.75 -3.20
CA LEU A 308 4.68 -5.74 -3.64
C LEU A 308 4.61 -5.63 -5.16
N LEU A 309 5.74 -5.86 -5.82
CA LEU A 309 5.85 -5.77 -7.27
C LEU A 309 4.82 -6.51 -8.09
N THR A 310 4.35 -7.66 -7.59
CA THR A 310 3.36 -8.44 -8.33
C THR A 310 1.97 -7.83 -8.32
N GLY A 311 1.72 -6.87 -7.42
CA GLY A 311 0.42 -6.25 -7.37
C GLY A 311 -0.20 -6.06 -5.99
N ARG A 312 0.60 -6.22 -4.95
CA ARG A 312 0.10 -6.07 -3.59
C ARG A 312 0.19 -4.61 -3.12
N SER A 313 -0.65 -4.28 -2.13
CA SER A 313 -0.69 -2.96 -1.53
C SER A 313 -0.56 -3.15 -0.02
N LEU A 314 0.18 -2.25 0.62
CA LEU A 314 0.37 -2.26 2.06
C LEU A 314 0.01 -0.86 2.52
N LYS A 315 -0.95 -0.76 3.44
CA LYS A 315 -1.40 0.53 3.91
C LYS A 315 -1.79 0.55 5.38
N GLY A 316 -1.95 1.76 5.92
CA GLY A 316 -2.33 1.88 7.31
C GLY A 316 -3.26 3.06 7.49
N SER A 317 -3.83 3.18 8.68
CA SER A 317 -4.73 4.29 8.98
C SER A 317 -4.97 4.36 10.47
N VAL A 318 -5.52 5.49 10.92
CA VAL A 318 -5.85 5.68 12.33
C VAL A 318 -7.37 5.88 12.40
N PHE A 319 -7.96 5.47 13.52
CA PHE A 319 -9.40 5.60 13.74
C PHE A 319 -10.22 5.07 12.56
N GLY A 320 -9.72 4.01 11.94
CA GLY A 320 -10.41 3.37 10.82
C GLY A 320 -10.69 4.23 9.61
N GLY A 321 -9.98 5.35 9.50
CA GLY A 321 -10.20 6.26 8.39
C GLY A 321 -11.43 7.14 8.55
N PHE A 322 -12.12 7.00 9.67
CA PHE A 322 -13.33 7.81 9.92
C PHE A 322 -13.01 9.24 10.33
N LYS A 323 -13.85 10.18 9.92
CA LYS A 323 -13.70 11.58 10.29
C LYS A 323 -14.66 11.77 11.46
N GLY A 324 -14.38 12.76 12.32
CA GLY A 324 -15.25 13.01 13.45
C GLY A 324 -16.71 13.18 13.12
N GLU A 325 -16.99 13.80 11.97
CA GLU A 325 -18.36 14.04 11.53
C GLU A 325 -19.12 12.76 11.16
N GLU A 326 -18.42 11.63 11.10
CA GLU A 326 -19.07 10.37 10.74
C GLU A 326 -19.39 9.49 11.94
N VAL A 327 -18.94 9.88 13.11
CA VAL A 327 -19.19 9.11 14.32
C VAL A 327 -20.67 8.99 14.68
N SER A 328 -21.41 10.09 14.58
CA SER A 328 -22.83 10.06 14.92
C SER A 328 -23.58 9.02 14.06
N ARG A 329 -23.19 8.94 12.79
CA ARG A 329 -23.82 7.99 11.86
C ARG A 329 -23.58 6.57 12.34
N LEU A 330 -22.36 6.30 12.81
CA LEU A 330 -22.02 4.97 13.31
C LEU A 330 -22.88 4.63 14.52
N VAL A 331 -23.06 5.59 15.42
CA VAL A 331 -23.88 5.36 16.59
C VAL A 331 -25.30 5.07 16.14
N ASP A 332 -25.77 5.79 15.13
CA ASP A 332 -27.12 5.56 14.61
C ASP A 332 -27.26 4.13 14.12
N ASP A 333 -26.30 3.67 13.33
CA ASP A 333 -26.34 2.31 12.80
C ASP A 333 -26.38 1.29 13.94
N TYR A 334 -25.65 1.58 15.01
CA TYR A 334 -25.60 0.69 16.17
C TYR A 334 -26.96 0.61 16.86
N MET A 335 -27.64 1.75 16.98
CA MET A 335 -28.95 1.77 17.62
C MET A 335 -30.03 1.16 16.74
N LYS A 336 -29.74 1.02 15.44
CA LYS A 336 -30.70 0.40 14.52
C LYS A 336 -30.41 -1.08 14.40
N LYS A 337 -29.42 -1.53 15.17
CA LYS A 337 -29.01 -2.92 15.19
C LYS A 337 -28.30 -3.40 13.93
N LYS A 338 -27.86 -2.44 13.11
CA LYS A 338 -27.13 -2.79 11.89
C LYS A 338 -25.78 -3.38 12.30
N ILE A 339 -25.22 -2.81 13.37
CA ILE A 339 -23.95 -3.29 13.93
C ILE A 339 -24.20 -3.44 15.42
N ASN A 340 -23.81 -4.59 15.97
CA ASN A 340 -24.02 -4.86 17.39
C ASN A 340 -22.77 -4.63 18.21
N VAL A 341 -22.43 -3.35 18.41
CA VAL A 341 -21.25 -2.97 19.16
C VAL A 341 -21.19 -3.58 20.55
N ASN A 342 -22.34 -3.64 21.23
CA ASN A 342 -22.40 -4.20 22.58
C ASN A 342 -21.92 -5.64 22.65
N PHE A 343 -21.95 -6.36 21.54
CA PHE A 343 -21.52 -7.75 21.50
C PHE A 343 -20.03 -7.91 21.80
N LEU A 344 -19.25 -6.85 21.59
CA LEU A 344 -17.81 -6.93 21.83
C LEU A 344 -17.45 -6.65 23.30
N VAL A 345 -18.42 -6.22 24.10
CA VAL A 345 -18.16 -5.95 25.51
C VAL A 345 -18.30 -7.24 26.31
N SER A 346 -17.17 -7.81 26.71
CA SER A 346 -17.17 -9.06 27.44
C SER A 346 -16.97 -8.88 28.94
N THR A 347 -16.63 -7.66 29.35
CA THR A 347 -16.40 -7.37 30.76
C THR A 347 -16.79 -5.92 31.07
N LYS A 348 -17.54 -5.74 32.15
CA LYS A 348 -17.96 -4.42 32.60
C LYS A 348 -17.44 -4.24 34.03
N LEU A 349 -16.71 -3.16 34.26
CA LEU A 349 -16.12 -2.89 35.57
C LEU A 349 -16.45 -1.48 36.04
N THR A 350 -15.87 -1.10 37.17
CA THR A 350 -16.02 0.25 37.71
C THR A 350 -14.62 0.84 37.63
N LEU A 351 -14.51 2.16 37.76
CA LEU A 351 -13.21 2.81 37.68
C LEU A 351 -12.19 2.21 38.64
N ASP A 352 -12.62 1.89 39.86
CA ASP A 352 -11.74 1.31 40.86
C ASP A 352 -11.06 0.01 40.41
N GLN A 353 -11.71 -0.71 39.49
CA GLN A 353 -11.18 -1.99 38.98
C GLN A 353 -10.42 -1.87 37.67
N ILE A 354 -10.09 -0.64 37.27
CA ILE A 354 -9.41 -0.43 36.00
C ILE A 354 -8.20 -1.34 35.72
N ASN A 355 -7.39 -1.63 36.75
CA ASN A 355 -6.23 -2.48 36.52
C ASN A 355 -6.57 -3.91 36.12
N LYS A 356 -7.76 -4.38 36.50
CA LYS A 356 -8.19 -5.72 36.13
C LYS A 356 -8.33 -5.79 34.61
N ALA A 357 -8.80 -4.68 34.01
CA ALA A 357 -8.96 -4.60 32.57
C ALA A 357 -7.61 -4.74 31.86
N PHE A 358 -6.57 -4.11 32.40
CA PHE A 358 -5.25 -4.23 31.79
C PHE A 358 -4.72 -5.64 31.94
N GLU A 359 -5.06 -6.30 33.05
CA GLU A 359 -4.63 -7.67 33.29
C GLU A 359 -5.31 -8.59 32.27
N LEU A 360 -6.57 -8.30 31.97
CA LEU A 360 -7.34 -9.11 31.02
C LEU A 360 -6.80 -9.08 29.60
N LEU A 361 -6.13 -8.00 29.22
CA LEU A 361 -5.58 -7.90 27.88
C LEU A 361 -4.54 -9.00 27.67
N SER A 362 -4.02 -9.52 28.78
CA SER A 362 -3.01 -10.58 28.75
C SER A 362 -3.57 -11.94 29.16
N SER A 363 -4.90 -12.05 29.24
CA SER A 363 -5.53 -13.29 29.64
C SER A 363 -5.55 -14.29 28.48
N GLY A 364 -6.37 -14.02 27.48
CA GLY A 364 -6.46 -14.91 26.34
C GLY A 364 -7.91 -15.29 26.06
N GLN A 365 -8.81 -14.42 26.47
CA GLN A 365 -10.24 -14.64 26.27
C GLN A 365 -10.94 -13.29 26.33
N GLY A 366 -12.20 -13.27 25.88
CA GLY A 366 -12.96 -12.03 25.89
C GLY A 366 -12.49 -11.10 24.80
N VAL A 367 -13.15 -9.96 24.68
CA VAL A 367 -12.79 -8.99 23.65
C VAL A 367 -12.46 -7.64 24.27
N ARG A 368 -13.47 -6.90 24.69
CA ARG A 368 -13.27 -5.58 25.29
C ARG A 368 -13.84 -5.45 26.69
N SER A 369 -13.13 -4.68 27.53
CA SER A 369 -13.58 -4.39 28.89
C SER A 369 -13.95 -2.92 28.88
N ILE A 370 -15.02 -2.57 29.59
CA ILE A 370 -15.41 -1.17 29.69
C ILE A 370 -15.76 -0.89 31.14
N MET A 371 -15.68 0.39 31.52
CA MET A 371 -16.00 0.79 32.88
C MET A 371 -17.19 1.74 32.82
N ILE A 372 -18.12 1.56 33.75
CA ILE A 372 -19.30 2.40 33.85
C ILE A 372 -19.06 3.28 35.06
N TYR A 373 -19.08 4.59 34.88
CA TYR A 373 -18.84 5.52 35.98
C TYR A 373 -20.11 5.89 36.74
N CYS B 2 9.71 -19.39 -48.54
CA CYS B 2 8.84 -19.56 -47.38
C CYS B 2 9.61 -20.23 -46.25
N THR B 3 9.37 -19.79 -45.01
CA THR B 3 10.06 -20.34 -43.86
C THR B 3 9.17 -21.10 -42.90
N ALA B 4 7.86 -21.11 -43.17
CA ALA B 4 6.91 -21.81 -42.32
C ALA B 4 7.26 -23.29 -42.19
N GLY B 5 7.25 -23.80 -40.97
CA GLY B 5 7.57 -25.20 -40.73
C GLY B 5 9.04 -25.54 -40.91
N LYS B 6 9.87 -24.53 -41.05
CA LYS B 6 11.30 -24.74 -41.24
C LYS B 6 12.11 -24.01 -40.18
N ASP B 7 13.29 -24.54 -39.87
CA ASP B 7 14.16 -23.91 -38.90
C ASP B 7 14.69 -22.62 -39.54
N ILE B 8 14.79 -21.56 -38.75
CA ILE B 8 15.30 -20.30 -39.26
C ILE B 8 16.67 -20.01 -38.66
N THR B 9 17.61 -19.59 -39.50
CA THR B 9 18.93 -19.23 -38.98
C THR B 9 18.94 -17.71 -39.03
N CYS B 10 19.30 -17.09 -37.93
CA CYS B 10 19.32 -15.63 -37.88
C CYS B 10 20.32 -15.13 -36.86
N LYS B 11 20.38 -13.82 -36.71
CA LYS B 11 21.28 -13.17 -35.78
C LYS B 11 20.58 -12.92 -34.44
N ALA B 12 21.34 -13.01 -33.36
CA ALA B 12 20.81 -12.78 -32.02
C ALA B 12 21.94 -12.43 -31.08
N ALA B 13 21.61 -11.71 -30.01
CA ALA B 13 22.60 -11.33 -29.01
C ALA B 13 22.43 -12.30 -27.86
N VAL B 14 23.45 -13.12 -27.62
CA VAL B 14 23.40 -14.11 -26.57
C VAL B 14 24.19 -13.73 -25.33
N ALA B 15 23.64 -14.05 -24.17
CA ALA B 15 24.29 -13.79 -22.90
C ALA B 15 24.76 -15.14 -22.39
N TRP B 16 26.00 -15.49 -22.71
CA TRP B 16 26.55 -16.77 -22.27
C TRP B 16 26.78 -16.81 -20.77
N GLU B 17 27.07 -15.64 -20.20
CA GLU B 17 27.31 -15.54 -18.77
C GLU B 17 27.06 -14.11 -18.29
N PRO B 18 26.83 -13.94 -16.98
CA PRO B 18 26.58 -12.62 -16.40
C PRO B 18 27.85 -11.77 -16.39
N HIS B 19 27.67 -10.48 -16.13
CA HIS B 19 28.79 -9.55 -16.03
C HIS B 19 29.69 -9.52 -17.26
N LYS B 20 29.14 -9.86 -18.42
CA LYS B 20 29.90 -9.86 -19.66
C LYS B 20 29.07 -9.27 -20.78
N PRO B 21 29.71 -8.53 -21.70
CA PRO B 21 28.98 -7.92 -22.82
C PRO B 21 28.26 -9.00 -23.62
N LEU B 22 27.10 -8.67 -24.18
CA LEU B 22 26.34 -9.63 -24.97
C LEU B 22 27.14 -10.03 -26.20
N SER B 23 27.02 -11.29 -26.60
CA SER B 23 27.75 -11.80 -27.75
C SER B 23 26.86 -11.96 -28.98
N LEU B 24 27.24 -11.33 -30.08
CA LEU B 24 26.47 -11.44 -31.31
C LEU B 24 26.75 -12.81 -31.92
N GLU B 25 25.70 -13.60 -32.11
CA GLU B 25 25.84 -14.95 -32.64
C GLU B 25 24.83 -15.28 -33.72
N THR B 26 25.12 -16.35 -34.45
CA THR B 26 24.21 -16.83 -35.48
C THR B 26 23.49 -17.95 -34.74
N ILE B 27 22.15 -17.92 -34.74
CA ILE B 27 21.41 -18.95 -34.04
C ILE B 27 20.37 -19.62 -34.93
N THR B 28 19.76 -20.68 -34.40
CA THR B 28 18.72 -21.40 -35.12
C THR B 28 17.44 -21.27 -34.29
N VAL B 29 16.36 -20.87 -34.94
CA VAL B 29 15.07 -20.72 -34.26
C VAL B 29 14.13 -21.76 -34.87
N ALA B 30 13.73 -22.72 -34.05
CA ALA B 30 12.83 -23.79 -34.49
C ALA B 30 11.44 -23.26 -34.82
N PRO B 31 10.66 -24.05 -35.58
CA PRO B 31 9.29 -23.66 -35.95
C PRO B 31 8.40 -23.73 -34.71
N PRO B 32 7.30 -22.96 -34.70
CA PRO B 32 6.40 -22.96 -33.55
C PRO B 32 5.63 -24.27 -33.37
N LYS B 33 5.57 -24.74 -32.12
CA LYS B 33 4.83 -25.97 -31.83
C LYS B 33 3.40 -25.56 -31.54
N ALA B 34 2.61 -26.49 -31.01
CA ALA B 34 1.20 -26.22 -30.70
C ALA B 34 1.03 -24.97 -29.84
N HIS B 35 0.10 -24.12 -30.24
CA HIS B 35 -0.22 -22.89 -29.51
C HIS B 35 0.96 -21.94 -29.31
N GLU B 36 1.83 -21.88 -30.30
CA GLU B 36 2.98 -20.99 -30.26
C GLU B 36 2.97 -20.15 -31.54
N VAL B 37 3.66 -19.02 -31.49
CA VAL B 37 3.72 -18.09 -32.63
C VAL B 37 5.17 -17.63 -32.84
N ARG B 38 5.68 -17.78 -34.06
CA ARG B 38 7.04 -17.32 -34.34
C ARG B 38 6.94 -15.91 -34.92
N ILE B 39 7.71 -15.00 -34.34
CA ILE B 39 7.67 -13.60 -34.72
C ILE B 39 8.96 -13.04 -35.28
N LYS B 40 8.84 -12.22 -36.33
CA LYS B 40 10.00 -11.56 -36.91
C LYS B 40 10.03 -10.22 -36.17
N ILE B 41 11.06 -10.02 -35.34
CA ILE B 41 11.18 -8.77 -34.59
C ILE B 41 11.58 -7.63 -35.50
N LEU B 42 10.87 -6.50 -35.39
CA LEU B 42 11.16 -5.33 -36.21
C LEU B 42 11.97 -4.31 -35.42
N ALA B 43 11.63 -4.17 -34.14
CA ALA B 43 12.30 -3.24 -33.27
C ALA B 43 12.24 -3.74 -31.83
N SER B 44 13.32 -3.50 -31.08
CA SER B 44 13.36 -3.92 -29.69
C SER B 44 14.04 -2.86 -28.84
N GLY B 45 13.46 -2.61 -27.66
CA GLY B 45 14.04 -1.64 -26.77
C GLY B 45 14.96 -2.35 -25.78
N ILE B 46 15.85 -1.60 -25.16
CA ILE B 46 16.75 -2.16 -24.16
C ILE B 46 16.22 -1.63 -22.83
N CYS B 47 15.77 -2.54 -21.98
CA CYS B 47 15.20 -2.16 -20.69
C CYS B 47 16.17 -2.32 -19.53
N GLY B 48 15.94 -1.56 -18.46
CA GLY B 48 16.79 -1.66 -17.29
C GLY B 48 16.80 -3.08 -16.74
N SER B 49 15.69 -3.80 -16.88
CA SER B 49 15.61 -5.18 -16.40
C SER B 49 16.56 -6.09 -17.15
N ASP B 50 16.80 -5.81 -18.43
CA ASP B 50 17.71 -6.63 -19.22
C ASP B 50 19.11 -6.44 -18.65
N SER B 51 19.43 -5.21 -18.27
CA SER B 51 20.72 -4.91 -17.70
C SER B 51 20.85 -5.59 -16.33
N SER B 52 19.77 -5.57 -15.56
CA SER B 52 19.77 -6.18 -14.23
C SER B 52 20.01 -7.69 -14.28
N VAL B 53 19.51 -8.35 -15.32
CA VAL B 53 19.73 -9.78 -15.45
C VAL B 53 21.23 -10.04 -15.62
N LEU B 54 21.87 -9.24 -16.47
CA LEU B 54 23.30 -9.37 -16.71
C LEU B 54 24.13 -9.10 -15.47
N LYS B 55 23.60 -8.30 -14.55
CA LYS B 55 24.31 -7.97 -13.31
C LYS B 55 23.87 -8.92 -12.20
N GLU B 56 23.02 -9.88 -12.53
CA GLU B 56 22.51 -10.84 -11.57
C GLU B 56 21.65 -10.19 -10.49
N ILE B 57 21.09 -9.02 -10.80
CA ILE B 57 20.21 -8.35 -9.85
C ILE B 57 18.88 -9.09 -9.93
N ILE B 58 18.56 -9.56 -11.13
CA ILE B 58 17.35 -10.34 -11.38
C ILE B 58 17.83 -11.72 -11.82
N PRO B 59 17.40 -12.78 -11.10
CA PRO B 59 17.77 -14.16 -11.39
C PRO B 59 17.38 -14.66 -12.79
N SER B 60 18.22 -15.53 -13.34
CA SER B 60 17.98 -16.12 -14.65
C SER B 60 19.02 -17.18 -14.95
N LYS B 61 18.61 -18.18 -15.72
CA LYS B 61 19.52 -19.23 -16.13
C LYS B 61 20.33 -18.66 -17.30
N PHE B 62 21.46 -19.28 -17.58
CA PHE B 62 22.32 -18.88 -18.69
C PHE B 62 22.72 -20.17 -19.41
N PRO B 63 23.00 -20.12 -20.71
CA PRO B 63 22.98 -18.95 -21.61
C PRO B 63 21.55 -18.50 -21.87
N VAL B 64 21.35 -17.21 -22.11
CA VAL B 64 20.01 -16.69 -22.32
C VAL B 64 19.94 -15.53 -23.31
N ILE B 65 18.82 -15.46 -24.03
CA ILE B 65 18.60 -14.38 -24.98
C ILE B 65 17.65 -13.43 -24.26
N LEU B 66 18.13 -12.21 -24.01
CA LEU B 66 17.34 -11.23 -23.28
C LEU B 66 16.44 -10.41 -24.19
N GLY B 67 15.89 -9.32 -23.66
CA GLY B 67 15.00 -8.47 -24.42
C GLY B 67 13.55 -8.90 -24.24
N HIS B 68 12.69 -7.96 -23.87
CA HIS B 68 11.28 -8.28 -23.66
C HIS B 68 10.41 -7.07 -24.00
N GLU B 69 10.96 -6.17 -24.78
CA GLU B 69 10.30 -4.93 -25.16
C GLU B 69 10.42 -4.79 -26.68
N ALA B 70 9.41 -5.26 -27.41
CA ALA B 70 9.50 -5.21 -28.86
C ALA B 70 8.19 -5.20 -29.62
N VAL B 71 8.31 -4.96 -30.91
CA VAL B 71 7.18 -4.97 -31.83
C VAL B 71 7.64 -5.79 -33.03
N GLY B 72 6.74 -6.59 -33.59
CA GLY B 72 7.11 -7.41 -34.73
C GLY B 72 5.93 -7.86 -35.56
N VAL B 73 6.20 -8.77 -36.49
CA VAL B 73 5.17 -9.31 -37.37
C VAL B 73 5.21 -10.83 -37.32
N VAL B 74 4.05 -11.46 -37.24
CA VAL B 74 3.97 -12.91 -37.17
C VAL B 74 4.49 -13.55 -38.46
N GLU B 75 5.44 -14.46 -38.31
CA GLU B 75 6.02 -15.15 -39.45
C GLU B 75 5.22 -16.43 -39.73
N SER B 76 4.85 -17.15 -38.67
CA SER B 76 4.06 -18.38 -38.80
C SER B 76 3.42 -18.72 -37.46
N ILE B 77 2.41 -19.58 -37.50
CA ILE B 77 1.73 -19.99 -36.28
C ILE B 77 1.69 -21.51 -36.16
N GLY B 78 1.70 -21.98 -34.91
CA GLY B 78 1.67 -23.41 -34.66
C GLY B 78 0.25 -23.94 -34.64
N ALA B 79 0.11 -25.26 -34.50
CA ALA B 79 -1.21 -25.88 -34.49
C ALA B 79 -2.12 -25.32 -33.40
N GLY B 80 -3.38 -25.11 -33.76
CA GLY B 80 -4.35 -24.60 -32.80
C GLY B 80 -4.43 -23.10 -32.58
N VAL B 81 -3.50 -22.34 -33.16
CA VAL B 81 -3.50 -20.89 -32.99
C VAL B 81 -4.59 -20.20 -33.80
N THR B 82 -5.37 -19.34 -33.14
CA THR B 82 -6.45 -18.61 -33.81
C THR B 82 -6.42 -17.11 -33.55
N CYS B 83 -5.77 -16.68 -32.47
CA CYS B 83 -5.74 -15.25 -32.11
C CYS B 83 -4.97 -14.35 -33.07
N VAL B 84 -3.99 -14.91 -33.78
CA VAL B 84 -3.22 -14.13 -34.76
C VAL B 84 -2.98 -14.97 -36.00
N LYS B 85 -2.50 -14.33 -37.05
CA LYS B 85 -2.23 -15.01 -38.31
C LYS B 85 -0.98 -14.38 -38.93
N PRO B 86 -0.31 -15.09 -39.85
CA PRO B 86 0.88 -14.57 -40.51
C PRO B 86 0.63 -13.17 -41.07
N GLY B 87 1.57 -12.26 -40.84
CA GLY B 87 1.41 -10.91 -41.33
C GLY B 87 0.94 -9.91 -40.29
N ASP B 88 0.25 -10.39 -39.26
CA ASP B 88 -0.24 -9.49 -38.21
C ASP B 88 0.91 -8.86 -37.44
N LYS B 89 0.79 -7.56 -37.13
CA LYS B 89 1.82 -6.90 -36.35
C LYS B 89 1.45 -7.17 -34.90
N VAL B 90 2.46 -7.48 -34.09
CA VAL B 90 2.22 -7.80 -32.69
C VAL B 90 3.28 -7.29 -31.73
N ILE B 91 2.93 -7.32 -30.45
CA ILE B 91 3.84 -6.94 -29.39
C ILE B 91 3.87 -8.13 -28.42
N PRO B 92 5.05 -8.74 -28.23
CA PRO B 92 5.17 -9.89 -27.32
C PRO B 92 4.85 -9.44 -25.89
N LEU B 93 4.20 -10.31 -25.13
CA LEU B 93 3.84 -9.96 -23.75
C LEU B 93 4.67 -10.76 -22.74
N PHE B 94 5.48 -10.07 -21.94
CA PHE B 94 6.29 -10.80 -20.96
C PHE B 94 5.42 -11.19 -19.76
N VAL B 95 4.21 -10.63 -19.74
CA VAL B 95 3.19 -10.97 -18.74
C VAL B 95 2.07 -11.50 -19.64
N PRO B 96 1.90 -12.83 -19.71
CA PRO B 96 0.85 -13.37 -20.56
C PRO B 96 -0.56 -13.15 -20.03
N GLN B 97 -1.54 -13.60 -20.81
CA GLN B 97 -2.93 -13.49 -20.41
C GLN B 97 -3.62 -14.77 -20.87
N CYS B 98 -3.62 -15.78 -19.99
CA CYS B 98 -4.23 -17.06 -20.31
C CYS B 98 -5.75 -16.95 -20.32
N GLY B 99 -6.27 -16.00 -19.56
CA GLY B 99 -7.71 -15.77 -19.50
C GLY B 99 -8.54 -16.64 -18.57
N SER B 100 -7.94 -17.64 -17.94
CA SER B 100 -8.72 -18.51 -17.06
C SER B 100 -8.24 -18.61 -15.60
N CYS B 101 -7.07 -18.03 -15.29
CA CYS B 101 -6.57 -18.09 -13.92
C CYS B 101 -7.21 -17.01 -13.06
N ARG B 102 -6.95 -17.06 -11.76
CA ARG B 102 -7.51 -16.08 -10.83
C ARG B 102 -7.22 -14.64 -11.26
N ALA B 103 -5.96 -14.35 -11.58
CA ALA B 103 -5.61 -12.99 -12.00
C ALA B 103 -6.34 -12.58 -13.28
N CYS B 104 -6.37 -13.46 -14.28
CA CYS B 104 -7.03 -13.16 -15.54
C CYS B 104 -8.53 -12.97 -15.44
N LYS B 105 -9.17 -13.72 -14.55
CA LYS B 105 -10.62 -13.61 -14.37
C LYS B 105 -10.98 -12.38 -13.57
N SER B 106 -9.97 -11.79 -12.92
CA SER B 106 -10.18 -10.61 -12.09
C SER B 106 -9.99 -9.32 -12.88
N SER B 107 -10.53 -8.23 -12.36
CA SER B 107 -10.41 -6.93 -13.01
C SER B 107 -9.40 -6.06 -12.28
N ASN B 108 -8.88 -6.55 -11.15
CA ASN B 108 -7.92 -5.79 -10.37
C ASN B 108 -6.49 -6.33 -10.40
N SER B 109 -6.23 -7.28 -11.29
CA SER B 109 -4.89 -7.85 -11.41
C SER B 109 -4.57 -8.25 -12.85
N ASN B 110 -3.28 -8.24 -13.19
CA ASN B 110 -2.83 -8.61 -14.53
C ASN B 110 -1.74 -9.65 -14.40
N PHE B 111 -1.45 -10.06 -13.17
CA PHE B 111 -0.39 -11.03 -12.94
C PHE B 111 -0.80 -12.46 -13.25
N CYS B 112 -1.02 -12.74 -14.53
CA CYS B 112 -1.40 -14.08 -14.99
C CYS B 112 -0.44 -15.13 -14.43
N GLU B 113 -1.00 -16.17 -13.85
CA GLU B 113 -0.21 -17.23 -13.23
C GLU B 113 0.68 -18.01 -14.20
N LYS B 114 0.47 -17.83 -15.50
CA LYS B 114 1.29 -18.51 -16.50
C LYS B 114 2.60 -17.76 -16.75
N ASN B 115 2.83 -16.70 -15.99
CA ASN B 115 4.06 -15.92 -16.15
C ASN B 115 5.25 -16.75 -15.70
N ASP B 116 6.44 -16.45 -16.22
CA ASP B 116 7.64 -17.18 -15.86
C ASP B 116 8.57 -16.34 -14.98
N MET B 117 8.04 -15.26 -14.43
CA MET B 117 8.83 -14.39 -13.57
C MET B 117 9.12 -15.09 -12.25
N GLY B 118 8.25 -16.02 -11.87
CA GLY B 118 8.46 -16.75 -10.65
C GLY B 118 9.34 -17.98 -10.81
N ALA B 119 8.91 -18.91 -11.65
CA ALA B 119 9.64 -20.15 -11.89
C ALA B 119 10.99 -19.95 -12.61
N LYS B 120 11.03 -18.98 -13.51
CA LYS B 120 12.25 -18.71 -14.26
C LYS B 120 12.79 -19.96 -14.95
N THR B 121 11.92 -20.70 -15.62
CA THR B 121 12.35 -21.91 -16.32
C THR B 121 13.19 -21.53 -17.54
N GLY B 122 12.86 -20.40 -18.15
CA GLY B 122 13.58 -19.96 -19.33
C GLY B 122 13.30 -20.87 -20.51
N LEU B 123 12.22 -21.64 -20.42
CA LEU B 123 11.85 -22.57 -21.48
C LEU B 123 10.39 -22.39 -21.89
N MET B 124 10.00 -23.05 -22.98
CA MET B 124 8.62 -22.99 -23.43
C MET B 124 7.77 -23.86 -22.50
N ALA B 125 6.46 -23.86 -22.73
CA ALA B 125 5.54 -24.63 -21.90
C ALA B 125 5.90 -26.11 -21.77
N ASP B 126 6.41 -26.69 -22.86
CA ASP B 126 6.78 -28.11 -22.84
C ASP B 126 8.19 -28.36 -22.32
N MET B 127 8.75 -27.35 -21.65
CA MET B 127 10.08 -27.43 -21.06
C MET B 127 11.23 -27.66 -22.05
N THR B 128 11.08 -27.18 -23.28
CA THR B 128 12.15 -27.32 -24.25
C THR B 128 12.41 -25.92 -24.82
N SER B 129 13.53 -25.74 -25.50
CA SER B 129 13.85 -24.44 -26.07
C SER B 129 13.76 -24.44 -27.60
N ARG B 130 13.39 -23.29 -28.16
CA ARG B 130 13.27 -23.14 -29.60
C ARG B 130 14.56 -22.52 -30.13
N PHE B 131 15.45 -22.15 -29.21
CA PHE B 131 16.72 -21.51 -29.56
C PHE B 131 17.90 -22.47 -29.45
N THR B 132 18.74 -22.47 -30.49
CA THR B 132 19.94 -23.31 -30.48
C THR B 132 21.09 -22.47 -31.01
N CYS B 133 22.25 -22.58 -30.37
CA CYS B 133 23.42 -21.85 -30.80
C CYS B 133 24.65 -22.69 -30.50
N ARG B 134 25.41 -23.01 -31.53
CA ARG B 134 26.61 -23.83 -31.36
C ARG B 134 26.24 -25.15 -30.70
N GLY B 135 25.15 -25.74 -31.19
CA GLY B 135 24.69 -27.01 -30.68
C GLY B 135 24.18 -27.00 -29.25
N LYS B 136 23.90 -25.82 -28.70
CA LYS B 136 23.41 -25.74 -27.32
C LYS B 136 22.07 -25.02 -27.22
N PRO B 137 21.15 -25.55 -26.39
CA PRO B 137 19.84 -24.91 -26.23
C PRO B 137 20.02 -23.61 -25.43
N ILE B 138 19.46 -22.53 -25.93
CA ILE B 138 19.56 -21.23 -25.27
C ILE B 138 18.24 -20.90 -24.58
N TYR B 139 18.30 -20.47 -23.32
CA TYR B 139 17.09 -20.12 -22.57
C TYR B 139 16.49 -18.80 -23.03
N ASN B 140 15.19 -18.61 -22.79
CA ASN B 140 14.54 -17.37 -23.16
C ASN B 140 14.26 -16.53 -21.91
N LEU B 141 13.68 -15.34 -22.10
CA LEU B 141 13.39 -14.44 -21.00
C LEU B 141 11.90 -14.14 -20.89
N MET B 142 11.29 -14.57 -19.79
CA MET B 142 9.88 -14.34 -19.53
C MET B 142 8.98 -14.64 -20.73
N GLY B 143 9.25 -15.76 -21.38
CA GLY B 143 8.46 -16.16 -22.54
C GLY B 143 8.54 -15.25 -23.75
N THR B 144 9.54 -14.38 -23.79
CA THR B 144 9.67 -13.49 -24.93
C THR B 144 11.01 -13.59 -25.65
N SER B 145 12.01 -12.84 -25.20
CA SER B 145 13.34 -12.82 -25.82
C SER B 145 13.23 -12.05 -27.13
N THR B 146 13.66 -10.79 -27.10
CA THR B 146 13.56 -9.95 -28.29
C THR B 146 14.89 -9.49 -28.88
N PHE B 147 16.00 -9.87 -28.24
CA PHE B 147 17.32 -9.52 -28.74
C PHE B 147 17.70 -10.56 -29.79
N THR B 148 16.77 -10.82 -30.69
CA THR B 148 16.95 -11.79 -31.75
C THR B 148 16.04 -11.41 -32.92
N GLU B 149 16.47 -11.72 -34.13
CA GLU B 149 15.68 -11.37 -35.31
C GLU B 149 14.36 -12.14 -35.36
N TYR B 150 14.35 -13.32 -34.75
CA TYR B 150 13.14 -14.13 -34.68
C TYR B 150 13.01 -14.77 -33.31
N THR B 151 11.78 -14.86 -32.83
CA THR B 151 11.53 -15.48 -31.54
C THR B 151 10.22 -16.24 -31.61
N VAL B 152 10.00 -17.10 -30.62
CA VAL B 152 8.79 -17.91 -30.56
C VAL B 152 8.15 -17.70 -29.19
N VAL B 153 6.86 -17.40 -29.18
CA VAL B 153 6.13 -17.17 -27.94
C VAL B 153 4.82 -17.94 -27.92
N ALA B 154 4.29 -18.16 -26.72
CA ALA B 154 3.02 -18.86 -26.54
C ALA B 154 1.93 -17.97 -27.12
N ASP B 155 0.84 -18.56 -27.61
CA ASP B 155 -0.20 -17.72 -28.19
C ASP B 155 -0.99 -16.89 -27.17
N ILE B 156 -0.68 -17.06 -25.89
CA ILE B 156 -1.34 -16.27 -24.85
C ILE B 156 -0.37 -15.14 -24.46
N ALA B 157 0.77 -15.05 -25.16
CA ALA B 157 1.77 -14.03 -24.87
C ALA B 157 1.99 -13.10 -26.06
N VAL B 158 0.92 -12.78 -26.76
CA VAL B 158 1.03 -11.90 -27.92
C VAL B 158 -0.17 -10.99 -28.01
N ALA B 159 0.06 -9.74 -28.41
CA ALA B 159 -1.03 -8.78 -28.55
C ALA B 159 -1.01 -8.23 -29.97
N LYS B 160 -2.09 -8.46 -30.72
CA LYS B 160 -2.18 -7.98 -32.09
C LYS B 160 -2.45 -6.47 -32.02
N ILE B 161 -1.77 -5.70 -32.87
CA ILE B 161 -1.94 -4.26 -32.88
C ILE B 161 -2.10 -3.72 -34.29
N ASP B 162 -2.38 -2.42 -34.40
CA ASP B 162 -2.56 -1.78 -35.70
C ASP B 162 -1.38 -2.07 -36.64
N PRO B 163 -1.67 -2.57 -37.84
CA PRO B 163 -0.66 -2.91 -38.86
C PRO B 163 0.33 -1.80 -39.17
N LYS B 164 -0.08 -0.54 -39.01
CA LYS B 164 0.78 0.59 -39.31
C LYS B 164 1.43 1.24 -38.08
N ALA B 165 1.40 0.55 -36.95
CA ALA B 165 1.99 1.10 -35.73
C ALA B 165 3.48 1.36 -35.98
N PRO B 166 3.98 2.52 -35.50
CA PRO B 166 5.39 2.89 -35.66
C PRO B 166 6.33 1.95 -34.92
N LEU B 167 7.57 1.86 -35.40
CA LEU B 167 8.57 0.99 -34.78
C LEU B 167 8.81 1.36 -33.32
N GLU B 168 8.57 2.63 -32.98
CA GLU B 168 8.78 3.09 -31.61
C GLU B 168 7.74 2.51 -30.67
N SER B 169 6.73 1.84 -31.22
CA SER B 169 5.70 1.23 -30.41
C SER B 169 6.28 0.14 -29.50
N CYS B 170 7.50 -0.30 -29.82
CA CYS B 170 8.14 -1.34 -29.03
C CYS B 170 8.22 -0.98 -27.54
N LEU B 171 8.31 0.31 -27.23
CA LEU B 171 8.40 0.71 -25.83
C LEU B 171 7.15 0.32 -25.06
N ILE B 172 6.02 0.19 -25.76
CA ILE B 172 4.77 -0.19 -25.12
C ILE B 172 4.90 -1.63 -24.63
N GLY B 173 5.89 -2.35 -25.17
CA GLY B 173 6.13 -3.73 -24.77
C GLY B 173 6.57 -3.85 -23.32
N CYS B 174 7.00 -2.74 -22.73
CA CYS B 174 7.40 -2.77 -21.32
C CYS B 174 7.58 -1.42 -20.65
N GLY B 175 8.69 -0.76 -20.94
CA GLY B 175 9.00 0.52 -20.34
C GLY B 175 7.89 1.56 -20.31
N PHE B 176 7.28 1.82 -21.45
CA PHE B 176 6.23 2.84 -21.48
C PHE B 176 4.95 2.41 -20.77
N ALA B 177 4.48 1.20 -21.04
CA ALA B 177 3.26 0.73 -20.39
C ALA B 177 3.46 0.71 -18.88
N THR B 178 4.66 0.32 -18.47
CA THR B 178 4.97 0.24 -17.04
C THR B 178 4.90 1.59 -16.32
N GLY B 179 5.67 2.56 -16.79
CA GLY B 179 5.67 3.86 -16.16
C GLY B 179 4.34 4.58 -16.29
N TYR B 180 3.80 4.56 -17.51
CA TYR B 180 2.52 5.20 -17.79
C TYR B 180 1.44 4.55 -16.94
N GLY B 181 1.40 3.22 -16.97
CA GLY B 181 0.41 2.49 -16.19
C GLY B 181 0.57 2.64 -14.69
N ALA B 182 1.81 2.78 -14.23
CA ALA B 182 2.06 2.93 -12.81
C ALA B 182 1.33 4.17 -12.30
N ALA B 183 1.29 5.21 -13.12
CA ALA B 183 0.62 6.45 -12.74
C ALA B 183 -0.89 6.38 -12.93
N VAL B 184 -1.31 5.90 -14.10
CA VAL B 184 -2.74 5.82 -14.43
C VAL B 184 -3.51 4.68 -13.78
N ASN B 185 -2.89 3.52 -13.65
CA ASN B 185 -3.55 2.34 -13.08
C ASN B 185 -3.23 2.02 -11.63
N THR B 186 -1.95 1.99 -11.30
CA THR B 186 -1.53 1.63 -9.96
C THR B 186 -1.69 2.73 -8.93
N ALA B 187 -1.06 3.88 -9.17
CA ALA B 187 -1.17 5.01 -8.26
C ALA B 187 -2.57 5.60 -8.34
N LYS B 188 -3.12 5.61 -9.55
CA LYS B 188 -4.43 6.18 -9.82
C LYS B 188 -4.40 7.69 -9.58
N VAL B 189 -3.44 8.35 -10.23
CA VAL B 189 -3.27 9.80 -10.11
C VAL B 189 -4.56 10.51 -10.50
N THR B 190 -4.94 11.51 -9.71
CA THR B 190 -6.16 12.27 -9.95
C THR B 190 -5.90 13.69 -10.45
N PRO B 191 -6.89 14.31 -11.09
CA PRO B 191 -6.71 15.67 -11.60
C PRO B 191 -6.39 16.67 -10.49
N GLY B 192 -5.39 17.52 -10.74
CA GLY B 192 -5.00 18.52 -9.77
C GLY B 192 -4.10 18.04 -8.65
N SER B 193 -3.74 16.76 -8.65
CA SER B 193 -2.89 16.22 -7.59
C SER B 193 -1.42 16.58 -7.81
N THR B 194 -0.59 16.34 -6.80
CA THR B 194 0.84 16.62 -6.89
C THR B 194 1.57 15.28 -6.92
N CYS B 195 2.51 15.14 -7.86
CA CYS B 195 3.27 13.91 -8.01
C CYS B 195 4.78 14.10 -7.99
N ALA B 196 5.49 13.02 -7.69
CA ALA B 196 6.95 13.02 -7.69
C ALA B 196 7.39 11.69 -8.32
N VAL B 197 8.33 11.76 -9.26
CA VAL B 197 8.83 10.57 -9.92
C VAL B 197 10.33 10.47 -9.67
N PHE B 198 10.76 9.35 -9.09
CA PHE B 198 12.17 9.14 -8.78
C PHE B 198 12.84 8.18 -9.77
N GLY B 199 13.89 8.66 -10.44
CA GLY B 199 14.58 7.84 -11.41
C GLY B 199 14.09 8.18 -12.81
N LEU B 200 14.79 9.08 -13.47
CA LEU B 200 14.37 9.52 -14.79
C LEU B 200 14.95 8.73 -15.96
N GLY B 201 14.62 7.45 -16.01
CA GLY B 201 15.06 6.58 -17.09
C GLY B 201 13.85 6.33 -17.97
N GLY B 202 13.85 5.23 -18.71
CA GLY B 202 12.72 4.93 -19.59
C GLY B 202 11.40 4.90 -18.85
N VAL B 203 11.35 4.14 -17.76
CA VAL B 203 10.14 4.01 -16.95
C VAL B 203 9.77 5.34 -16.29
N GLY B 204 10.76 6.01 -15.73
CA GLY B 204 10.52 7.28 -15.08
C GLY B 204 9.89 8.31 -15.99
N PHE B 205 10.41 8.43 -17.22
CA PHE B 205 9.84 9.40 -18.16
C PHE B 205 8.41 9.01 -18.52
N SER B 206 8.16 7.71 -18.63
CA SER B 206 6.83 7.22 -18.96
C SER B 206 5.84 7.55 -17.83
N ALA B 207 6.34 7.52 -16.59
CA ALA B 207 5.51 7.84 -15.43
C ALA B 207 5.17 9.33 -15.44
N ILE B 208 6.11 10.15 -15.89
CA ILE B 208 5.88 11.58 -15.95
C ILE B 208 4.77 11.83 -16.98
N VAL B 209 4.86 11.14 -18.11
CA VAL B 209 3.85 11.27 -19.16
C VAL B 209 2.50 10.81 -18.62
N GLY B 210 2.53 9.78 -17.78
CA GLY B 210 1.31 9.24 -17.19
C GLY B 210 0.66 10.19 -16.21
N CYS B 211 1.47 10.80 -15.35
CA CYS B 211 0.94 11.74 -14.36
C CYS B 211 0.32 12.94 -15.08
N LYS B 212 0.94 13.36 -16.18
CA LYS B 212 0.42 14.50 -16.94
C LYS B 212 -0.91 14.14 -17.58
N ALA B 213 -0.98 12.94 -18.16
CA ALA B 213 -2.20 12.48 -18.81
C ALA B 213 -3.34 12.37 -17.80
N ALA B 214 -2.99 12.02 -16.56
CA ALA B 214 -3.99 11.89 -15.51
C ALA B 214 -4.44 13.24 -14.95
N GLY B 215 -3.79 14.31 -15.39
CA GLY B 215 -4.17 15.65 -14.93
C GLY B 215 -3.48 16.23 -13.71
N ALA B 216 -2.32 15.70 -13.31
CA ALA B 216 -1.61 16.23 -12.15
C ALA B 216 -1.29 17.72 -12.35
N SER B 217 -1.35 18.49 -11.26
CA SER B 217 -1.05 19.93 -11.33
C SER B 217 0.44 20.18 -11.14
N ARG B 218 1.12 19.28 -10.44
CA ARG B 218 2.56 19.39 -10.22
C ARG B 218 3.19 18.01 -10.38
N ILE B 219 4.29 17.96 -11.13
CA ILE B 219 5.01 16.71 -11.35
C ILE B 219 6.48 17.01 -11.13
N ILE B 220 7.02 16.49 -10.04
CA ILE B 220 8.42 16.72 -9.69
C ILE B 220 9.30 15.54 -10.09
N GLY B 221 10.18 15.78 -11.05
CA GLY B 221 11.09 14.74 -11.49
C GLY B 221 12.32 14.78 -10.60
N VAL B 222 12.70 13.63 -10.05
CA VAL B 222 13.86 13.57 -9.16
C VAL B 222 14.90 12.61 -9.72
N GLY B 223 16.06 13.16 -10.07
CA GLY B 223 17.13 12.35 -10.61
C GLY B 223 18.51 12.95 -10.38
N THR B 224 19.55 12.18 -10.66
CA THR B 224 20.92 12.64 -10.43
C THR B 224 21.63 13.14 -11.68
N HIS B 225 20.94 13.14 -12.82
CA HIS B 225 21.54 13.61 -14.07
C HIS B 225 20.73 14.77 -14.63
N LYS B 226 21.15 15.98 -14.27
CA LYS B 226 20.47 17.20 -14.68
C LYS B 226 20.34 17.41 -16.18
N ASP B 227 21.18 16.74 -16.98
CA ASP B 227 21.10 16.88 -18.42
C ASP B 227 19.76 16.40 -18.96
N LYS B 228 19.08 15.57 -18.16
CA LYS B 228 17.78 15.02 -18.54
C LYS B 228 16.62 15.94 -18.16
N PHE B 229 16.88 16.90 -17.29
CA PHE B 229 15.83 17.81 -16.82
C PHE B 229 15.05 18.56 -17.89
N PRO B 230 15.74 19.16 -18.87
CA PRO B 230 14.97 19.88 -19.89
C PRO B 230 13.96 18.95 -20.56
N LYS B 231 14.40 17.74 -20.90
CA LYS B 231 13.56 16.73 -21.53
C LYS B 231 12.37 16.38 -20.65
N ALA B 232 12.65 16.16 -19.37
CA ALA B 232 11.60 15.82 -18.41
C ALA B 232 10.52 16.89 -18.36
N ILE B 233 10.94 18.16 -18.37
CA ILE B 233 9.98 19.26 -18.34
C ILE B 233 9.16 19.25 -19.63
N GLU B 234 9.82 19.01 -20.76
CA GLU B 234 9.14 18.97 -22.05
C GLU B 234 8.03 17.92 -22.07
N LEU B 235 8.28 16.78 -21.44
CA LEU B 235 7.30 15.70 -21.42
C LEU B 235 6.27 15.79 -20.30
N GLY B 236 6.32 16.84 -19.49
CA GLY B 236 5.33 16.97 -18.44
C GLY B 236 5.74 17.43 -17.05
N ALA B 237 6.99 17.23 -16.66
CA ALA B 237 7.42 17.64 -15.33
C ALA B 237 7.33 19.15 -15.17
N THR B 238 6.89 19.60 -13.99
CA THR B 238 6.78 21.03 -13.73
C THR B 238 8.07 21.56 -13.13
N GLU B 239 8.88 20.65 -12.60
CA GLU B 239 10.17 21.01 -12.01
C GLU B 239 10.97 19.74 -11.74
N CYS B 240 12.29 19.88 -11.67
CA CYS B 240 13.16 18.74 -11.40
C CYS B 240 14.10 19.05 -10.25
N LEU B 241 14.45 18.01 -9.50
CA LEU B 241 15.34 18.16 -8.35
C LEU B 241 16.44 17.11 -8.40
N ASN B 242 17.66 17.54 -8.13
CA ASN B 242 18.82 16.66 -8.11
C ASN B 242 19.21 16.48 -6.65
N PRO B 243 18.98 15.28 -6.09
CA PRO B 243 19.30 14.97 -4.69
C PRO B 243 20.72 15.34 -4.28
N LYS B 244 21.67 15.21 -5.21
CA LYS B 244 23.07 15.52 -4.89
C LYS B 244 23.33 17.00 -4.62
N ASP B 245 22.45 17.88 -5.10
CA ASP B 245 22.60 19.31 -4.86
C ASP B 245 22.30 19.65 -3.41
N TYR B 246 21.53 18.78 -2.77
CA TYR B 246 21.10 19.02 -1.39
C TYR B 246 21.84 18.32 -0.27
N ASP B 247 21.97 19.03 0.84
CA ASP B 247 22.60 18.46 2.01
C ASP B 247 21.47 17.85 2.84
N LYS B 248 20.30 18.49 2.82
CA LYS B 248 19.19 17.94 3.56
C LYS B 248 18.48 16.89 2.72
N PRO B 249 17.90 15.87 3.38
CA PRO B 249 17.18 14.78 2.71
C PRO B 249 16.20 15.27 1.66
N ILE B 250 16.19 14.62 0.50
CA ILE B 250 15.31 15.01 -0.59
C ILE B 250 13.82 14.95 -0.25
N TYR B 251 13.43 14.05 0.64
CA TYR B 251 12.02 13.97 1.00
C TYR B 251 11.61 15.17 1.85
N GLU B 252 12.55 15.73 2.61
CA GLU B 252 12.25 16.90 3.43
C GLU B 252 12.09 18.09 2.49
N VAL B 253 12.96 18.15 1.48
CA VAL B 253 12.93 19.22 0.49
C VAL B 253 11.56 19.22 -0.19
N ILE B 254 11.13 18.03 -0.61
CA ILE B 254 9.85 17.90 -1.29
C ILE B 254 8.67 18.21 -0.38
N CYS B 255 8.68 17.69 0.84
CA CYS B 255 7.59 17.98 1.77
C CYS B 255 7.47 19.47 2.04
N GLU B 256 8.61 20.16 2.12
CA GLU B 256 8.59 21.60 2.38
C GLU B 256 8.01 22.38 1.19
N LYS B 257 8.18 21.85 -0.02
CA LYS B 257 7.69 22.51 -1.22
C LYS B 257 6.24 22.16 -1.58
N THR B 258 5.70 21.12 -0.96
CA THR B 258 4.35 20.68 -1.30
C THR B 258 3.36 20.61 -0.13
N ASN B 259 3.47 21.54 0.81
CA ASN B 259 2.54 21.55 1.94
C ASN B 259 2.47 20.21 2.68
N GLY B 260 3.61 19.56 2.88
CA GLY B 260 3.60 18.30 3.59
C GLY B 260 3.90 17.04 2.81
N GLY B 261 4.04 17.16 1.49
CA GLY B 261 4.34 15.99 0.69
C GLY B 261 3.43 15.84 -0.51
N VAL B 262 3.88 15.06 -1.50
CA VAL B 262 3.09 14.86 -2.71
C VAL B 262 1.99 13.83 -2.47
N ASP B 263 0.99 13.84 -3.34
CA ASP B 263 -0.12 12.90 -3.24
C ASP B 263 0.30 11.52 -3.75
N TYR B 264 1.11 11.52 -4.80
CA TYR B 264 1.59 10.28 -5.41
C TYR B 264 3.06 10.32 -5.76
N ALA B 265 3.78 9.26 -5.39
CA ALA B 265 5.20 9.15 -5.69
C ALA B 265 5.40 7.82 -6.44
N VAL B 266 6.22 7.84 -7.48
CA VAL B 266 6.51 6.64 -8.28
C VAL B 266 8.02 6.41 -8.29
N GLU B 267 8.46 5.25 -7.78
CA GLU B 267 9.89 4.93 -7.73
C GLU B 267 10.25 4.09 -8.96
N CYS B 268 11.20 4.58 -9.75
CA CYS B 268 11.61 3.90 -10.98
C CYS B 268 13.12 3.71 -11.11
N ALA B 269 13.82 3.51 -10.00
CA ALA B 269 15.27 3.36 -10.06
C ALA B 269 15.75 1.98 -9.65
N GLY B 270 15.00 1.32 -8.79
CA GLY B 270 15.42 0.00 -8.33
C GLY B 270 16.44 0.11 -7.22
N ARG B 271 16.24 1.08 -6.33
CA ARG B 271 17.13 1.31 -5.21
C ARG B 271 16.32 1.44 -3.91
N ILE B 272 16.76 0.74 -2.86
CA ILE B 272 16.07 0.79 -1.58
C ILE B 272 16.04 2.24 -1.08
N GLU B 273 17.13 2.96 -1.28
CA GLU B 273 17.20 4.35 -0.85
C GLU B 273 16.20 5.22 -1.59
N THR B 274 16.07 5.02 -2.91
CA THR B 274 15.13 5.80 -3.69
C THR B 274 13.69 5.43 -3.31
N MET B 275 13.47 4.17 -2.92
CA MET B 275 12.14 3.75 -2.52
C MET B 275 11.77 4.45 -1.21
N MET B 276 12.72 4.48 -0.27
CA MET B 276 12.51 5.13 1.01
C MET B 276 12.29 6.64 0.84
N ASN B 277 13.04 7.26 -0.06
CA ASN B 277 12.88 8.68 -0.30
C ASN B 277 11.49 8.96 -0.88
N ALA B 278 11.09 8.11 -1.81
CA ALA B 278 9.78 8.26 -2.45
C ALA B 278 8.67 8.20 -1.42
N LEU B 279 8.68 7.16 -0.59
CA LEU B 279 7.66 6.98 0.44
C LEU B 279 7.57 8.17 1.38
N GLN B 280 8.70 8.62 1.89
CA GLN B 280 8.72 9.75 2.83
C GLN B 280 8.45 11.09 2.16
N SER B 281 8.40 11.11 0.82
CA SER B 281 8.13 12.35 0.10
C SER B 281 6.63 12.56 -0.07
N THR B 282 5.83 11.56 0.29
CA THR B 282 4.38 11.66 0.17
C THR B 282 3.75 12.18 1.46
N TYR B 283 2.58 12.81 1.32
CA TYR B 283 1.85 13.35 2.45
C TYR B 283 1.49 12.21 3.41
N CYS B 284 1.79 12.37 4.69
CA CYS B 284 1.51 11.32 5.67
C CYS B 284 0.04 10.95 5.84
N GLY B 285 -0.86 11.89 5.53
CA GLY B 285 -2.27 11.60 5.71
C GLY B 285 -2.97 10.80 4.62
N SER B 286 -2.37 10.70 3.43
CA SER B 286 -3.01 9.99 2.33
C SER B 286 -2.08 9.63 1.17
N GLY B 287 -0.80 9.95 1.31
CA GLY B 287 0.15 9.68 0.24
C GLY B 287 0.18 8.25 -0.26
N VAL B 288 0.36 8.09 -1.58
CA VAL B 288 0.43 6.78 -2.21
C VAL B 288 1.76 6.65 -2.93
N THR B 289 2.51 5.61 -2.62
CA THR B 289 3.80 5.36 -3.24
C THR B 289 3.78 4.06 -4.03
N VAL B 290 4.25 4.12 -5.27
CA VAL B 290 4.31 2.94 -6.12
C VAL B 290 5.76 2.60 -6.41
N VAL B 291 6.15 1.37 -6.12
CA VAL B 291 7.52 0.92 -6.36
C VAL B 291 7.50 0.03 -7.61
N LEU B 292 8.32 0.38 -8.58
CA LEU B 292 8.38 -0.37 -9.83
C LEU B 292 9.74 -1.02 -10.01
N GLY B 293 10.77 -0.41 -9.44
CA GLY B 293 12.12 -0.94 -9.58
C GLY B 293 12.40 -2.21 -8.79
N LEU B 294 13.39 -2.96 -9.25
CA LEU B 294 13.79 -4.19 -8.58
C LEU B 294 15.22 -4.04 -8.07
N ALA B 295 15.41 -4.25 -6.77
CA ALA B 295 16.73 -4.16 -6.16
C ALA B 295 17.27 -5.57 -6.05
N SER B 296 18.51 -5.70 -5.56
CA SER B 296 19.11 -7.01 -5.39
C SER B 296 18.13 -7.89 -4.62
N PRO B 297 18.06 -9.19 -4.96
CA PRO B 297 17.16 -10.15 -4.31
C PRO B 297 17.11 -10.13 -2.78
N ASN B 298 18.27 -10.00 -2.14
CA ASN B 298 18.32 -10.00 -0.68
C ASN B 298 18.26 -8.66 0.02
N GLU B 299 18.00 -7.59 -0.74
CA GLU B 299 17.90 -6.27 -0.13
C GLU B 299 16.50 -6.10 0.45
N ARG B 300 16.41 -5.38 1.57
CA ARG B 300 15.13 -5.16 2.22
C ARG B 300 14.92 -3.70 2.56
N LEU B 301 13.65 -3.29 2.58
CA LEU B 301 13.29 -1.92 2.91
C LEU B 301 13.01 -1.87 4.42
N PRO B 302 13.83 -1.13 5.19
CA PRO B 302 13.67 -1.00 6.64
C PRO B 302 12.46 -0.14 6.91
N LEU B 303 11.27 -0.71 6.75
CA LEU B 303 10.03 0.03 6.92
C LEU B 303 9.50 0.23 8.33
N ASP B 304 9.37 1.50 8.73
CA ASP B 304 8.82 1.83 10.04
C ASP B 304 7.31 1.89 9.80
N PRO B 305 6.55 0.96 10.40
CA PRO B 305 5.09 0.92 10.23
C PRO B 305 4.37 2.24 10.50
N LEU B 306 4.97 3.07 11.36
CA LEU B 306 4.37 4.35 11.70
C LEU B 306 4.23 5.24 10.45
N LEU B 307 5.05 4.95 9.43
CA LEU B 307 4.99 5.74 8.20
C LEU B 307 3.69 5.46 7.44
N LEU B 308 3.11 4.30 7.66
CA LEU B 308 1.86 3.91 6.99
C LEU B 308 0.64 4.21 7.83
N LEU B 309 0.80 4.10 9.15
CA LEU B 309 -0.29 4.30 10.11
C LEU B 309 -1.13 5.56 9.97
N THR B 310 -0.49 6.67 9.62
CA THR B 310 -1.22 7.93 9.49
C THR B 310 -2.12 7.99 8.25
N GLY B 311 -1.96 7.03 7.34
CA GLY B 311 -2.78 7.01 6.15
C GLY B 311 -2.09 6.80 4.81
N ARG B 312 -0.82 6.41 4.83
CA ARG B 312 -0.09 6.18 3.58
C ARG B 312 -0.34 4.78 3.00
N SER B 313 -0.04 4.64 1.71
CA SER B 313 -0.16 3.38 0.99
C SER B 313 1.12 3.13 0.20
N LEU B 314 1.58 1.88 0.21
CA LEU B 314 2.78 1.48 -0.52
C LEU B 314 2.34 0.32 -1.40
N LYS B 315 2.49 0.47 -2.71
CA LYS B 315 2.06 -0.55 -3.66
C LYS B 315 3.09 -0.81 -4.73
N GLY B 316 2.89 -1.91 -5.45
CA GLY B 316 3.77 -2.25 -6.54
C GLY B 316 2.96 -2.90 -7.64
N SER B 317 3.51 -2.98 -8.84
CA SER B 317 2.82 -3.61 -9.96
C SER B 317 3.83 -3.95 -11.06
N VAL B 318 3.39 -4.77 -11.99
CA VAL B 318 4.21 -5.16 -13.12
C VAL B 318 3.47 -4.73 -14.38
N PHE B 319 4.22 -4.30 -15.39
CA PHE B 319 3.65 -3.87 -16.66
C PHE B 319 2.56 -2.82 -16.48
N GLY B 320 2.78 -1.89 -15.56
CA GLY B 320 1.83 -0.82 -15.30
C GLY B 320 0.42 -1.26 -14.95
N GLY B 321 0.28 -2.53 -14.56
CA GLY B 321 -1.03 -3.05 -14.22
C GLY B 321 -1.88 -3.35 -15.43
N PHE B 322 -1.35 -3.11 -16.63
CA PHE B 322 -2.08 -3.38 -17.88
C PHE B 322 -2.20 -4.86 -18.20
N LYS B 323 -3.36 -5.25 -18.73
CA LYS B 323 -3.60 -6.63 -19.16
C LYS B 323 -3.24 -6.65 -20.65
N GLY B 324 -2.82 -7.81 -21.15
CA GLY B 324 -2.45 -7.91 -22.56
C GLY B 324 -3.49 -7.36 -23.51
N GLU B 325 -4.77 -7.55 -23.18
CA GLU B 325 -5.86 -7.07 -24.02
C GLU B 325 -5.98 -5.55 -24.08
N GLU B 326 -5.18 -4.84 -23.30
CA GLU B 326 -5.22 -3.38 -23.26
C GLU B 326 -4.10 -2.74 -24.07
N VAL B 327 -3.16 -3.56 -24.52
CA VAL B 327 -2.02 -3.09 -25.29
C VAL B 327 -2.41 -2.40 -26.60
N SER B 328 -3.32 -3.00 -27.35
CA SER B 328 -3.73 -2.43 -28.62
C SER B 328 -4.28 -1.00 -28.46
N ARG B 329 -5.06 -0.80 -27.41
CA ARG B 329 -5.64 0.52 -27.14
C ARG B 329 -4.55 1.56 -26.94
N LEU B 330 -3.46 1.17 -26.28
CA LEU B 330 -2.33 2.06 -26.04
C LEU B 330 -1.69 2.46 -27.38
N VAL B 331 -1.52 1.48 -28.25
CA VAL B 331 -0.94 1.74 -29.56
C VAL B 331 -1.85 2.72 -30.30
N ASP B 332 -3.16 2.53 -30.17
CA ASP B 332 -4.11 3.41 -30.82
C ASP B 332 -3.95 4.84 -30.33
N ASP B 333 -3.91 5.02 -29.01
CA ASP B 333 -3.75 6.35 -28.44
C ASP B 333 -2.44 6.98 -28.91
N TYR B 334 -1.42 6.16 -29.08
CA TYR B 334 -0.11 6.63 -29.53
C TYR B 334 -0.20 7.15 -30.96
N MET B 335 -0.89 6.43 -31.83
CA MET B 335 -1.02 6.86 -33.20
C MET B 335 -1.92 8.08 -33.33
N LYS B 336 -2.85 8.23 -32.39
CA LYS B 336 -3.75 9.37 -32.38
C LYS B 336 -3.05 10.57 -31.76
N LYS B 337 -1.78 10.38 -31.41
CA LYS B 337 -0.96 11.42 -30.80
C LYS B 337 -1.40 11.80 -29.39
N LYS B 338 -2.22 10.97 -28.75
CA LYS B 338 -2.64 11.26 -27.38
C LYS B 338 -1.42 11.09 -26.48
N ILE B 339 -0.55 10.17 -26.86
CA ILE B 339 0.69 9.89 -26.14
C ILE B 339 1.78 9.76 -27.19
N ASN B 340 2.83 10.56 -27.08
CA ASN B 340 3.91 10.51 -28.05
C ASN B 340 5.06 9.63 -27.55
N VAL B 341 4.85 8.32 -27.66
CA VAL B 341 5.82 7.33 -27.22
C VAL B 341 7.19 7.51 -27.88
N ASN B 342 7.18 7.89 -29.15
CA ASN B 342 8.41 8.08 -29.90
C ASN B 342 9.32 9.14 -29.27
N PHE B 343 8.75 10.02 -28.46
CA PHE B 343 9.53 11.07 -27.83
C PHE B 343 10.52 10.50 -26.82
N LEU B 344 10.25 9.30 -26.32
CA LEU B 344 11.13 8.68 -25.33
C LEU B 344 12.34 8.01 -25.98
N VAL B 345 12.27 7.79 -27.29
CA VAL B 345 13.38 7.16 -28.01
C VAL B 345 14.49 8.18 -28.26
N SER B 346 15.57 8.08 -27.50
CA SER B 346 16.69 8.99 -27.63
C SER B 346 17.82 8.47 -28.51
N THR B 347 17.85 7.16 -28.71
CA THR B 347 18.89 6.54 -29.51
C THR B 347 18.37 5.35 -30.30
N LYS B 348 18.71 5.29 -31.59
CA LYS B 348 18.31 4.19 -32.46
C LYS B 348 19.58 3.49 -32.92
N LEU B 349 19.63 2.17 -32.74
CA LEU B 349 20.81 1.39 -33.11
C LEU B 349 20.46 0.15 -33.93
N THR B 350 21.49 -0.63 -34.24
CA THR B 350 21.32 -1.88 -34.99
C THR B 350 21.56 -2.97 -33.94
N LEU B 351 21.20 -4.21 -34.26
CA LEU B 351 21.40 -5.30 -33.32
C LEU B 351 22.87 -5.46 -32.94
N ASP B 352 23.76 -5.20 -33.89
CA ASP B 352 25.19 -5.33 -33.63
C ASP B 352 25.71 -4.33 -32.61
N GLN B 353 25.02 -3.20 -32.46
CA GLN B 353 25.43 -2.17 -31.52
C GLN B 353 24.72 -2.27 -30.18
N ILE B 354 24.03 -3.40 -29.96
CA ILE B 354 23.28 -3.60 -28.73
C ILE B 354 24.04 -3.26 -27.44
N ASN B 355 25.32 -3.62 -27.37
CA ASN B 355 26.10 -3.32 -26.18
C ASN B 355 26.26 -1.83 -25.91
N LYS B 356 26.08 -1.01 -26.94
CA LYS B 356 26.18 0.45 -26.76
C LYS B 356 24.98 0.91 -25.93
N ALA B 357 23.83 0.30 -26.20
CA ALA B 357 22.62 0.64 -25.48
C ALA B 357 22.82 0.38 -24.00
N PHE B 358 23.47 -0.73 -23.66
CA PHE B 358 23.73 -1.05 -22.27
C PHE B 358 24.71 -0.05 -21.67
N GLU B 359 25.63 0.44 -22.48
CA GLU B 359 26.62 1.40 -22.01
C GLU B 359 25.90 2.71 -21.70
N LEU B 360 24.97 3.09 -22.57
CA LEU B 360 24.21 4.32 -22.40
C LEU B 360 23.36 4.31 -21.12
N LEU B 361 22.84 3.14 -20.77
CA LEU B 361 22.01 3.03 -19.57
C LEU B 361 22.72 3.65 -18.37
N SER B 362 24.04 3.63 -18.39
CA SER B 362 24.83 4.17 -17.29
C SER B 362 25.21 5.63 -17.53
N SER B 363 24.99 6.12 -18.75
CA SER B 363 25.32 7.50 -19.09
C SER B 363 24.36 8.44 -18.37
N GLY B 364 24.68 9.73 -18.40
CA GLY B 364 23.84 10.70 -17.74
C GLY B 364 22.91 11.47 -18.66
N GLN B 365 22.53 10.84 -19.77
CA GLN B 365 21.66 11.47 -20.73
C GLN B 365 20.76 10.46 -21.42
N GLY B 366 19.83 10.96 -22.23
CA GLY B 366 18.93 10.08 -22.96
C GLY B 366 17.86 9.45 -22.10
N VAL B 367 16.93 8.79 -22.76
CA VAL B 367 15.82 8.12 -22.09
C VAL B 367 15.81 6.64 -22.46
N ARG B 368 15.48 6.36 -23.71
CA ARG B 368 15.43 4.97 -24.16
C ARG B 368 16.13 4.75 -25.50
N SER B 369 16.82 3.63 -25.62
CA SER B 369 17.50 3.26 -26.85
C SER B 369 16.73 2.06 -27.39
N ILE B 370 16.60 2.00 -28.71
CA ILE B 370 15.92 0.87 -29.34
C ILE B 370 16.74 0.44 -30.54
N MET B 371 16.53 -0.79 -30.99
CA MET B 371 17.24 -1.33 -32.13
C MET B 371 16.25 -1.64 -33.24
N ILE B 372 16.63 -1.28 -34.47
CA ILE B 372 15.80 -1.55 -35.63
C ILE B 372 16.53 -2.66 -36.37
N TYR B 373 15.84 -3.79 -36.56
CA TYR B 373 16.44 -4.95 -37.22
C TYR B 373 16.28 -4.92 -38.74
ZN ZN C . -7.41 2.99 20.90
ZN ZN D . -7.70 19.51 10.55
PA NAP E . -5.95 -5.98 22.51
O1A NAP E . -4.88 -6.08 23.43
O2A NAP E . -7.43 -5.99 22.84
O5B NAP E . -5.81 -7.12 21.40
C5B NAP E . -4.58 -7.29 20.66
C4B NAP E . -4.79 -8.68 20.10
O4B NAP E . -3.61 -9.01 19.24
C3B NAP E . -4.79 -9.83 21.15
O3B NAP E . -6.16 -10.12 21.44
C2B NAP E . -4.05 -10.96 20.45
O2B NAP E . -4.88 -11.73 19.59
C1B NAP E . -2.98 -10.22 19.61
N9A NAP E . -1.73 -10.05 20.37
C8A NAP E . -1.36 -9.18 21.39
N7A NAP E . -0.12 -9.35 21.81
C5A NAP E . 0.35 -10.39 21.02
C6A NAP E . 1.61 -11.02 21.01
N6A NAP E . 2.68 -10.74 21.79
N1A NAP E . 1.80 -12.07 20.09
C2A NAP E . 0.77 -12.46 19.22
N3A NAP E . -0.49 -11.86 19.21
C4A NAP E . -0.65 -10.82 20.13
O3 NAP E . -5.79 -4.66 21.66
PN NAP E . -6.91 -3.87 20.91
O1N NAP E . -7.37 -4.29 19.58
O2N NAP E . -7.14 -2.51 21.47
O5D NAP E . -5.63 -3.24 20.09
C5D NAP E . -4.76 -4.05 19.18
C4D NAP E . -3.70 -3.21 18.45
O4D NAP E . -4.29 -2.16 17.64
C3D NAP E . -2.62 -2.47 19.34
O3D NAP E . -1.31 -2.64 18.77
C2D NAP E . -3.11 -1.03 19.32
O2D NAP E . -2.09 -0.07 19.62
C1D NAP E . -3.62 -0.90 17.95
N1N NAP E . -4.66 0.14 17.68
C2N NAP E . -4.60 0.95 16.52
C3N NAP E . -5.61 1.90 16.33
C7N NAP E . -5.55 2.78 15.08
O7N NAP E . -6.43 3.62 14.95
N7N NAP E . -4.60 2.64 14.19
C4N NAP E . -6.70 2.07 17.30
C5N NAP E . -6.71 1.23 18.45
C6N NAP E . -5.69 0.24 18.66
P2B NAP E . -5.08 -13.34 19.74
O1X NAP E . -5.49 -13.59 21.20
O2X NAP E . -6.17 -13.58 18.76
O3X NAP E . -3.74 -13.97 19.42
C1 GOL F . -4.07 4.30 18.78
O1 GOL F . -5.19 4.20 19.64
C2 GOL F . -3.41 5.66 18.84
O2 GOL F . -3.26 6.18 17.53
C3 GOL F . -2.07 5.52 19.53
O3 GOL F . -1.37 6.76 19.61
ZN ZN G . 11.26 -4.13 -18.86
ZN ZN H . -3.93 -16.06 -16.56
PA NAP I . 17.06 2.73 -16.74
O1A NAP I . 18.31 2.14 -16.46
O2A NAP I . 16.64 3.31 -18.09
O5B NAP I . 16.77 3.90 -15.71
C5B NAP I . 16.90 3.69 -14.28
C4B NAP I . 17.01 5.12 -13.82
O4B NAP I . 17.10 5.13 -12.32
C3B NAP I . 18.29 5.88 -14.25
O3B NAP I . 17.98 6.61 -15.44
C2B NAP I . 18.60 6.76 -13.05
O2B NAP I . 17.85 7.96 -13.05
C1B NAP I . 18.19 5.88 -11.84
N9A NAP I . 19.33 5.09 -11.36
C8A NAP I . 20.06 4.04 -11.91
N7A NAP I . 21.04 3.60 -11.13
C5A NAP I . 20.95 4.41 -10.01
C6A NAP I . 21.74 4.42 -8.83
N6A NAP I . 22.78 3.62 -8.54
N1A NAP I . 21.40 5.38 -7.85
C2A NAP I . 20.33 6.27 -8.04
N3A NAP I . 19.55 6.28 -9.20
C4A NAP I . 19.90 5.34 -10.15
O3 NAP I . 15.89 1.71 -16.43
PN NAP I . 14.45 1.70 -17.01
O1N NAP I . 13.41 2.60 -16.48
O2N NAP I . 14.14 0.48 -17.81
O5D NAP I . 14.17 0.78 -15.68
C5D NAP I . 13.91 1.34 -14.32
C4D NAP I . 13.76 0.23 -13.26
O4D NAP I . 12.44 -0.35 -13.31
C3D NAP I . 14.74 -0.99 -13.37
O3D NAP I . 15.22 -1.36 -12.07
C2D NAP I . 13.89 -2.06 -14.00
O2D NAP I . 14.34 -3.37 -13.74
C1D NAP I . 12.56 -1.81 -13.40
N1N NAP I . 11.35 -2.20 -14.19
C2N NAP I . 10.14 -2.61 -13.57
C3N NAP I . 9.06 -2.95 -14.38
C7N NAP I . 7.74 -3.40 -13.74
O7N NAP I . 6.84 -3.69 -14.50
N7N NAP I . 7.60 -3.45 -12.45
C4N NAP I . 9.17 -2.90 -15.85
C5N NAP I . 10.41 -2.48 -16.42
C6N NAP I . 11.51 -2.12 -15.61
P2B NAP I . 18.51 9.45 -13.04
O1X NAP I . 17.33 10.42 -13.15
O2X NAP I . 19.18 9.46 -11.72
O3X NAP I . 19.40 9.54 -14.26
C1 GOL J . 10.66 -6.90 -16.57
O1 GOL J . 11.03 -5.54 -16.68
C2 GOL J . 10.63 -7.41 -15.14
O2 GOL J . 10.87 -6.35 -14.22
C3 GOL J . 11.67 -8.51 -14.98
O3 GOL J . 11.69 -9.03 -13.66
#